data_5DTR
#
_entry.id   5DTR
#
_cell.length_a   158.435
_cell.length_b   158.435
_cell.length_c   73.955
_cell.angle_alpha   90.00
_cell.angle_beta   90.00
_cell.angle_gamma   120.00
#
_symmetry.space_group_name_H-M   'P 63'
#
loop_
_entity.id
_entity.type
_entity.pdbx_description
1 polymer 'Histone-lysine N-methyltransferase, H3 lysine-79 specific'
2 non-polymer N-(2,6-dichlorophenyl)-4-methoxy-N-methylquinolin-6-amine
3 water water
#
_entity_poly.entity_id   1
_entity_poly.type   'polypeptide(L)'
_entity_poly.pdbx_seq_one_letter_code
;GPGEKLELRLKSPVGAEPAVYPWPLPVYDKHHDAAHEIIETIRWVCEEIPDLKLAMENYVLIDYDTKSFESMQRLCDKYN
RAIDSIHQLWKGTTQPMKLNTRPSTGLLRHILQQVYNHSVTDPEKLNNYEPFSPEVYGETSFDLVAQMIDEIKMTDDDLF
VDLGSGVGQVVLQVAAATNCKHHYGVEKADIPAKYAETMDREFRKWMKWYGKKHAEYTLERGDFLSEEWRERIANTSVIF
VNNFAFGPEVDHQLKERFANMKEGGRIVSSKPFAPLNFRINSRNLSDIGTIMRVVELSPLKGSVSWTGKPVSYYLHTIDR
TILENYFSSLKNPG
;
_entity_poly.pdbx_strand_id   A,B
#
loop_
_chem_comp.id
_chem_comp.type
_chem_comp.name
_chem_comp.formula
5F7 non-polymer N-(2,6-dichlorophenyl)-4-methoxy-N-methylquinolin-6-amine 'C17 H14 Cl2 N2 O'
#
# COMPACT_ATOMS: atom_id res chain seq x y z
N LEU A 6 25.02 1.71 -24.93
CA LEU A 6 24.72 1.87 -23.50
C LEU A 6 23.26 1.48 -23.18
N GLU A 7 23.03 0.16 -22.90
CA GLU A 7 21.71 -0.41 -22.60
C GLU A 7 21.76 -1.73 -21.76
N LEU A 8 20.67 -2.00 -20.99
CA LEU A 8 20.50 -3.19 -20.15
C LEU A 8 19.40 -4.06 -20.74
N ARG A 9 19.61 -5.38 -20.78
CA ARG A 9 18.64 -6.32 -21.33
C ARG A 9 18.26 -7.42 -20.34
N LEU A 10 16.97 -7.76 -20.28
CA LEU A 10 16.43 -8.85 -19.45
C LEU A 10 15.72 -9.83 -20.34
N LYS A 11 16.20 -11.09 -20.35
CA LYS A 11 15.56 -12.13 -21.16
C LYS A 11 14.23 -12.53 -20.51
N SER A 12 13.25 -12.81 -21.36
CA SER A 12 11.93 -13.24 -20.96
C SER A 12 11.98 -14.67 -20.39
N PRO A 13 11.29 -14.97 -19.27
CA PRO A 13 11.24 -16.37 -18.79
C PRO A 13 10.54 -17.37 -19.74
N VAL A 14 9.75 -16.88 -20.71
CA VAL A 14 9.00 -17.71 -21.67
C VAL A 14 9.53 -17.57 -23.11
N GLY A 15 10.62 -16.86 -23.31
CA GLY A 15 11.25 -16.74 -24.62
C GLY A 15 10.68 -15.68 -25.53
N ALA A 16 9.94 -14.71 -24.95
CA ALA A 16 9.43 -13.56 -25.70
C ALA A 16 10.64 -12.62 -25.96
N GLU A 17 10.42 -11.48 -26.66
CA GLU A 17 11.49 -10.52 -26.93
C GLU A 17 12.08 -9.97 -25.60
N PRO A 18 13.40 -9.76 -25.46
CA PRO A 18 13.91 -9.27 -24.18
C PRO A 18 13.46 -7.85 -23.83
N ALA A 19 13.46 -7.50 -22.53
CA ALA A 19 13.13 -6.14 -22.07
C ALA A 19 14.42 -5.35 -22.22
N VAL A 20 14.38 -4.24 -22.95
CA VAL A 20 15.59 -3.43 -23.23
C VAL A 20 15.41 -2.06 -22.59
N TYR A 21 16.36 -1.68 -21.75
CA TYR A 21 16.37 -0.40 -21.05
C TYR A 21 17.58 0.42 -21.47
N PRO A 22 17.42 1.73 -21.74
CA PRO A 22 18.60 2.55 -22.06
C PRO A 22 19.36 2.95 -20.79
N TRP A 23 20.64 3.34 -20.94
CA TRP A 23 21.46 3.88 -19.85
C TRP A 23 21.93 5.29 -20.27
N PRO A 24 21.79 6.35 -19.43
CA PRO A 24 21.27 6.37 -18.04
C PRO A 24 19.82 5.89 -17.92
N LEU A 25 19.53 5.07 -16.89
CA LEU A 25 18.19 4.52 -16.66
C LEU A 25 17.15 5.60 -16.36
N PRO A 26 15.93 5.49 -16.94
CA PRO A 26 14.89 6.50 -16.65
C PRO A 26 14.50 6.60 -15.18
N VAL A 27 14.14 7.81 -14.76
CA VAL A 27 13.68 8.09 -13.41
C VAL A 27 12.19 8.35 -13.54
N TYR A 28 11.38 7.69 -12.69
CA TYR A 28 9.93 7.80 -12.71
C TYR A 28 9.44 8.92 -11.78
N ASP A 29 10.01 9.03 -10.56
CA ASP A 29 9.79 10.08 -9.55
C ASP A 29 10.98 10.16 -8.59
N LYS A 30 10.90 11.03 -7.53
CA LYS A 30 11.95 11.27 -6.53
C LYS A 30 12.52 10.01 -5.85
N HIS A 31 11.68 8.97 -5.62
CA HIS A 31 12.11 7.74 -4.94
C HIS A 31 11.95 6.45 -5.80
N HIS A 32 11.42 6.59 -7.04
CA HIS A 32 11.18 5.48 -7.96
C HIS A 32 11.88 5.64 -9.33
N ASP A 33 12.53 4.54 -9.78
CA ASP A 33 13.26 4.50 -11.06
C ASP A 33 13.28 3.11 -11.70
N ALA A 34 13.77 3.03 -12.95
CA ALA A 34 13.85 1.78 -13.70
C ALA A 34 14.80 0.76 -13.09
N ALA A 35 15.83 1.20 -12.32
CA ALA A 35 16.78 0.29 -11.65
C ALA A 35 16.04 -0.61 -10.66
N HIS A 36 15.13 -0.03 -9.85
CA HIS A 36 14.30 -0.75 -8.89
C HIS A 36 13.27 -1.61 -9.59
N GLU A 37 12.79 -1.16 -10.76
CA GLU A 37 11.88 -1.95 -11.57
C GLU A 37 12.59 -3.22 -12.08
N ILE A 38 13.86 -3.09 -12.53
CA ILE A 38 14.66 -4.23 -13.02
C ILE A 38 14.85 -5.26 -11.89
N ILE A 39 15.25 -4.81 -10.69
CA ILE A 39 15.49 -5.67 -9.53
C ILE A 39 14.25 -6.42 -9.10
N GLU A 40 13.13 -5.71 -9.04
CA GLU A 40 11.85 -6.30 -8.66
C GLU A 40 11.33 -7.26 -9.74
N THR A 41 11.55 -6.96 -11.02
CA THR A 41 11.18 -7.84 -12.12
C THR A 41 11.91 -9.20 -11.94
N ILE A 42 13.25 -9.16 -11.73
CA ILE A 42 14.07 -10.36 -11.51
C ILE A 42 13.54 -11.14 -10.27
N ARG A 43 13.24 -10.42 -9.17
CA ARG A 43 12.73 -11.06 -7.96
C ARG A 43 11.39 -11.76 -8.19
N TRP A 44 10.46 -11.12 -8.92
CA TRP A 44 9.16 -11.74 -9.26
C TRP A 44 9.33 -13.00 -10.15
N VAL A 45 10.18 -12.94 -11.19
CA VAL A 45 10.49 -14.08 -12.09
C VAL A 45 11.09 -15.28 -11.28
N CYS A 46 12.02 -14.98 -10.34
CA CYS A 46 12.64 -15.97 -9.46
C CYS A 46 11.63 -16.59 -8.52
N GLU A 47 10.70 -15.78 -8.03
CA GLU A 47 9.66 -16.24 -7.13
C GLU A 47 8.72 -17.26 -7.78
N GLU A 48 8.31 -17.05 -9.03
CA GLU A 48 7.36 -17.98 -9.65
C GLU A 48 8.00 -18.99 -10.63
N ILE A 49 9.33 -19.17 -10.54
CA ILE A 49 10.15 -20.18 -11.22
C ILE A 49 11.21 -20.63 -10.17
N PRO A 50 10.90 -21.62 -9.30
CA PRO A 50 11.88 -22.07 -8.28
C PRO A 50 13.25 -22.55 -8.80
N ASP A 51 13.31 -23.15 -10.02
CA ASP A 51 14.57 -23.62 -10.64
C ASP A 51 15.52 -22.44 -10.88
N LEU A 52 14.94 -21.25 -11.22
CA LEU A 52 15.69 -20.03 -11.47
C LEU A 52 16.38 -19.54 -10.20
N LYS A 53 15.66 -19.59 -9.05
CA LYS A 53 16.16 -19.23 -7.72
C LYS A 53 17.35 -20.10 -7.39
N LEU A 54 17.24 -21.42 -7.74
CA LEU A 54 18.33 -22.39 -7.58
C LEU A 54 19.52 -22.05 -8.48
N ALA A 55 19.29 -21.82 -9.80
CA ALA A 55 20.37 -21.53 -10.77
C ALA A 55 21.08 -20.22 -10.54
N MET A 56 20.34 -19.18 -10.11
CA MET A 56 20.94 -17.86 -9.93
C MET A 56 21.83 -17.76 -8.69
N GLU A 57 23.00 -17.11 -8.84
CA GLU A 57 23.98 -16.93 -7.76
C GLU A 57 23.44 -15.98 -6.70
N ASN A 58 23.37 -16.52 -5.44
CA ASN A 58 22.84 -16.03 -4.16
C ASN A 58 23.10 -14.56 -3.77
N TYR A 59 24.28 -14.02 -4.09
CA TYR A 59 24.77 -12.70 -3.72
C TYR A 59 24.33 -11.53 -4.62
N VAL A 60 24.00 -11.84 -5.91
CA VAL A 60 23.65 -10.96 -7.02
C VAL A 60 22.53 -9.97 -6.74
N LEU A 61 21.54 -10.37 -5.93
CA LEU A 61 20.43 -9.48 -5.62
C LEU A 61 20.60 -8.75 -4.26
N ILE A 62 21.77 -8.90 -3.60
CA ILE A 62 22.09 -8.23 -2.34
C ILE A 62 23.11 -7.11 -2.62
N ASP A 63 24.23 -7.46 -3.27
CA ASP A 63 25.30 -6.52 -3.61
C ASP A 63 25.18 -5.95 -5.03
N TYR A 64 24.43 -4.85 -5.16
CA TYR A 64 24.24 -4.11 -6.41
C TYR A 64 24.34 -2.61 -6.14
N ASP A 65 24.74 -1.85 -7.17
CA ASP A 65 24.83 -0.40 -7.12
C ASP A 65 24.03 0.11 -8.32
N THR A 66 22.81 0.63 -8.06
CA THR A 66 21.88 1.14 -9.07
C THR A 66 22.45 2.29 -9.91
N LYS A 67 23.51 2.94 -9.41
CA LYS A 67 24.16 4.08 -10.05
C LYS A 67 25.44 3.67 -10.78
N SER A 68 25.66 2.37 -10.95
CA SER A 68 26.83 1.86 -11.65
C SER A 68 26.39 1.01 -12.83
N PHE A 69 26.77 1.40 -14.05
CA PHE A 69 26.40 0.66 -15.26
C PHE A 69 26.88 -0.78 -15.20
N GLU A 70 28.16 -0.96 -14.84
CA GLU A 70 28.81 -2.28 -14.74
C GLU A 70 28.10 -3.18 -13.74
N SER A 71 27.71 -2.63 -12.58
CA SER A 71 27.03 -3.37 -11.53
C SER A 71 25.62 -3.80 -11.98
N MET A 72 24.89 -2.89 -12.66
CA MET A 72 23.54 -3.17 -13.17
C MET A 72 23.59 -4.16 -14.33
N GLN A 73 24.67 -4.10 -15.13
CA GLN A 73 24.92 -5.01 -16.24
C GLN A 73 25.29 -6.41 -15.74
N ARG A 74 26.04 -6.50 -14.62
CA ARG A 74 26.46 -7.76 -14.01
C ARG A 74 25.24 -8.50 -13.49
N LEU A 75 24.38 -7.76 -12.77
CA LEU A 75 23.13 -8.23 -12.19
C LEU A 75 22.21 -8.76 -13.29
N CYS A 76 22.05 -8.00 -14.39
CA CYS A 76 21.24 -8.36 -15.55
C CYS A 76 21.77 -9.62 -16.21
N ASP A 77 23.11 -9.70 -16.38
CA ASP A 77 23.79 -10.84 -17.00
C ASP A 77 23.68 -12.11 -16.16
N LYS A 78 23.80 -11.99 -14.82
CA LYS A 78 23.63 -13.10 -13.85
C LYS A 78 22.22 -13.71 -13.98
N TYR A 79 21.18 -12.86 -14.05
CA TYR A 79 19.79 -13.31 -14.22
C TYR A 79 19.63 -13.95 -15.61
N ASN A 80 20.18 -13.32 -16.67
CA ASN A 80 20.10 -13.82 -18.04
C ASN A 80 20.75 -15.20 -18.21
N ARG A 81 21.90 -15.43 -17.56
CA ARG A 81 22.62 -16.71 -17.62
C ARG A 81 21.80 -17.80 -16.90
N ALA A 82 21.15 -17.43 -15.78
CA ALA A 82 20.31 -18.33 -14.99
C ALA A 82 19.07 -18.73 -15.83
N ILE A 83 18.48 -17.78 -16.61
CA ILE A 83 17.34 -18.00 -17.52
C ILE A 83 17.76 -19.00 -18.63
N ASP A 84 18.99 -18.83 -19.18
CA ASP A 84 19.55 -19.73 -20.18
C ASP A 84 19.71 -21.14 -19.63
N SER A 85 20.23 -21.31 -18.38
CA SER A 85 20.41 -22.63 -17.75
C SER A 85 19.07 -23.35 -17.58
N ILE A 86 18.03 -22.58 -17.24
CA ILE A 86 16.68 -23.06 -17.05
C ILE A 86 16.05 -23.44 -18.38
N HIS A 87 16.28 -22.63 -19.44
CA HIS A 87 15.79 -22.96 -20.77
C HIS A 87 16.48 -24.21 -21.33
N GLN A 88 17.71 -24.52 -20.85
CA GLN A 88 18.45 -25.74 -21.23
C GLN A 88 17.89 -26.98 -20.51
N LEU A 89 17.51 -26.80 -19.23
CA LEU A 89 16.94 -27.85 -18.38
C LEU A 89 15.59 -28.30 -18.93
N TRP A 90 14.75 -27.33 -19.34
CA TRP A 90 13.41 -27.59 -19.88
C TRP A 90 13.46 -28.16 -21.29
N LYS A 91 14.60 -27.98 -21.99
CA LYS A 91 14.88 -28.51 -23.32
C LYS A 91 15.06 -30.03 -23.16
N GLY A 92 15.89 -30.44 -22.20
CA GLY A 92 16.13 -31.83 -21.86
C GLY A 92 14.93 -32.50 -21.21
N ASN A 100 0.38 -20.58 -20.14
CA ASN A 100 0.05 -19.23 -19.71
C ASN A 100 -1.11 -19.22 -18.67
N THR A 101 -0.82 -18.82 -17.42
CA THR A 101 -1.79 -18.74 -16.33
C THR A 101 -2.04 -17.27 -16.04
N ARG A 102 -2.94 -16.98 -15.11
CA ARG A 102 -3.21 -15.61 -14.70
C ARG A 102 -2.10 -15.19 -13.72
N PRO A 103 -1.70 -13.91 -13.71
CA PRO A 103 -0.67 -13.51 -12.75
C PRO A 103 -1.20 -13.56 -11.32
N SER A 104 -0.30 -13.81 -10.36
CA SER A 104 -0.66 -13.73 -8.95
C SER A 104 -1.03 -12.22 -8.69
N THR A 105 -1.69 -11.90 -7.58
CA THR A 105 -2.04 -10.52 -7.27
C THR A 105 -0.79 -9.62 -7.10
N GLY A 106 0.23 -10.16 -6.42
CA GLY A 106 1.50 -9.47 -6.22
C GLY A 106 2.18 -9.15 -7.54
N LEU A 107 2.25 -10.13 -8.44
CA LEU A 107 2.84 -9.91 -9.76
C LEU A 107 2.02 -8.89 -10.56
N LEU A 108 0.67 -9.01 -10.51
CA LEU A 108 -0.20 -8.08 -11.21
C LEU A 108 0.04 -6.61 -10.77
N ARG A 109 0.18 -6.37 -9.47
CA ARG A 109 0.50 -5.03 -8.96
C ARG A 109 1.77 -4.48 -9.59
N HIS A 110 2.83 -5.34 -9.66
CA HIS A 110 4.12 -5.01 -10.28
C HIS A 110 3.97 -4.72 -11.78
N ILE A 111 3.22 -5.59 -12.49
CA ILE A 111 2.99 -5.43 -13.94
C ILE A 111 2.28 -4.08 -14.24
N LEU A 112 1.25 -3.74 -13.49
CA LEU A 112 0.48 -2.51 -13.71
C LEU A 112 1.31 -1.25 -13.45
N GLN A 113 2.14 -1.28 -12.39
CA GLN A 113 3.05 -0.18 -12.08
C GLN A 113 4.08 0.02 -13.21
N GLN A 114 4.65 -1.08 -13.67
CA GLN A 114 5.64 -1.14 -14.75
C GLN A 114 5.01 -0.63 -16.08
N VAL A 115 3.78 -1.08 -16.39
CA VAL A 115 3.05 -0.61 -17.57
C VAL A 115 2.83 0.92 -17.49
N TYR A 116 2.39 1.42 -16.31
CA TYR A 116 2.20 2.84 -16.09
C TYR A 116 3.51 3.63 -16.29
N ASN A 117 4.61 3.18 -15.65
CA ASN A 117 5.91 3.85 -15.68
C ASN A 117 6.50 3.97 -17.08
N HIS A 118 6.27 2.97 -17.95
CA HIS A 118 6.74 3.02 -19.34
C HIS A 118 5.78 3.84 -20.23
N SER A 119 4.52 4.01 -19.80
CA SER A 119 3.49 4.68 -20.59
C SER A 119 3.26 6.15 -20.30
N VAL A 120 3.11 6.50 -19.02
CA VAL A 120 2.83 7.86 -18.55
C VAL A 120 4.14 8.49 -18.09
N THR A 121 4.85 9.01 -19.08
CA THR A 121 6.17 9.63 -18.99
C THR A 121 6.09 11.07 -18.45
N ASP A 122 4.95 11.76 -18.67
CA ASP A 122 4.72 13.10 -18.15
C ASP A 122 3.42 13.11 -17.34
N PRO A 123 3.49 12.79 -16.03
CA PRO A 123 2.26 12.74 -15.21
C PRO A 123 1.61 14.10 -14.94
N GLU A 124 2.38 15.20 -15.12
CA GLU A 124 1.91 16.58 -14.96
C GLU A 124 0.78 16.86 -15.95
N LYS A 125 0.89 16.30 -17.18
CA LYS A 125 -0.06 16.42 -18.29
C LYS A 125 -1.48 15.92 -17.97
N LEU A 126 -1.64 15.03 -16.96
CA LEU A 126 -2.94 14.46 -16.57
C LEU A 126 -3.91 15.48 -15.92
N ASN A 127 -3.35 16.52 -15.23
CA ASN A 127 -4.09 17.58 -14.52
C ASN A 127 -5.17 16.99 -13.58
N ASN A 128 -4.73 16.03 -12.76
CA ASN A 128 -5.54 15.27 -11.81
C ASN A 128 -4.94 15.43 -10.41
N TYR A 129 -5.63 16.21 -9.56
CA TYR A 129 -5.24 16.48 -8.16
C TYR A 129 -6.04 15.59 -7.18
N GLU A 130 -7.03 14.85 -7.71
CA GLU A 130 -7.92 13.94 -6.96
C GLU A 130 -7.17 12.74 -6.34
N PRO A 131 -7.69 12.13 -5.22
CA PRO A 131 -7.02 10.93 -4.67
C PRO A 131 -7.16 9.70 -5.56
N PHE A 132 -7.96 9.83 -6.66
CA PHE A 132 -8.23 8.83 -7.69
C PHE A 132 -7.36 9.09 -8.94
N SER A 133 -6.23 9.79 -8.76
CA SER A 133 -5.30 10.08 -9.84
C SER A 133 -4.62 8.77 -10.31
N PRO A 134 -4.29 8.63 -11.63
CA PRO A 134 -3.63 7.39 -12.10
C PRO A 134 -2.24 7.21 -11.49
N GLU A 135 -1.62 8.34 -11.12
CA GLU A 135 -0.29 8.44 -10.52
C GLU A 135 -0.19 7.62 -9.21
N VAL A 136 -1.30 7.56 -8.42
CA VAL A 136 -1.36 6.85 -7.14
C VAL A 136 -2.23 5.58 -7.17
N TYR A 137 -2.44 4.97 -8.36
CA TYR A 137 -3.30 3.78 -8.52
C TYR A 137 -2.91 2.59 -7.63
N GLY A 138 -1.62 2.33 -7.51
CA GLY A 138 -1.09 1.24 -6.70
C GLY A 138 -1.31 1.37 -5.20
N GLU A 139 -1.60 2.59 -4.69
CA GLU A 139 -1.78 2.92 -3.27
C GLU A 139 -2.99 2.24 -2.59
N THR A 140 -4.23 2.55 -3.02
CA THR A 140 -5.45 1.99 -2.42
C THR A 140 -6.30 1.38 -3.50
N SER A 141 -6.31 2.03 -4.70
CA SER A 141 -7.15 1.64 -5.83
C SER A 141 -6.99 0.21 -6.21
N PHE A 142 -5.73 -0.24 -6.37
CA PHE A 142 -5.41 -1.59 -6.75
C PHE A 142 -6.02 -2.57 -5.76
N ASP A 143 -5.81 -2.36 -4.45
CA ASP A 143 -6.32 -3.23 -3.38
C ASP A 143 -7.83 -3.27 -3.32
N LEU A 144 -8.49 -2.11 -3.49
CA LEU A 144 -9.94 -2.04 -3.52
C LEU A 144 -10.54 -2.68 -4.76
N VAL A 145 -9.90 -2.53 -5.96
CA VAL A 145 -10.33 -3.23 -7.17
C VAL A 145 -10.18 -4.75 -6.96
N ALA A 146 -9.05 -5.21 -6.34
CA ALA A 146 -8.80 -6.63 -6.05
C ALA A 146 -9.94 -7.19 -5.16
N GLN A 147 -10.35 -6.41 -4.14
CA GLN A 147 -11.46 -6.72 -3.20
C GLN A 147 -12.79 -6.83 -3.96
N MET A 148 -13.02 -5.89 -4.88
CA MET A 148 -14.18 -5.80 -5.76
C MET A 148 -14.24 -7.05 -6.68
N ILE A 149 -13.12 -7.44 -7.31
CA ILE A 149 -13.03 -8.63 -8.17
C ILE A 149 -13.46 -9.91 -7.37
N ASP A 150 -12.96 -10.07 -6.12
CA ASP A 150 -13.31 -11.20 -5.25
C ASP A 150 -14.76 -11.20 -4.81
N GLU A 151 -15.37 -10.02 -4.70
CA GLU A 151 -16.75 -9.89 -4.25
C GLU A 151 -17.78 -10.12 -5.36
N ILE A 152 -17.59 -9.59 -6.58
CA ILE A 152 -18.60 -9.71 -7.64
C ILE A 152 -18.51 -11.02 -8.46
N LYS A 153 -17.39 -11.71 -8.45
CA LYS A 153 -17.28 -13.06 -9.07
C LYS A 153 -17.89 -13.18 -10.48
N MET A 154 -17.29 -12.50 -11.43
CA MET A 154 -17.69 -12.51 -12.83
C MET A 154 -17.37 -13.82 -13.53
N THR A 155 -18.17 -14.17 -14.54
CA THR A 155 -18.01 -15.37 -15.35
C THR A 155 -17.89 -14.96 -16.82
N ASP A 156 -17.71 -15.97 -17.72
CA ASP A 156 -17.57 -15.82 -19.16
C ASP A 156 -18.81 -15.22 -19.83
N ASP A 157 -19.96 -15.21 -19.12
CA ASP A 157 -21.22 -14.64 -19.59
C ASP A 157 -21.27 -13.13 -19.37
N ASP A 158 -20.32 -12.59 -18.59
CA ASP A 158 -20.29 -11.18 -18.24
C ASP A 158 -19.55 -10.29 -19.23
N LEU A 159 -20.00 -9.04 -19.30
CA LEU A 159 -19.37 -7.96 -20.07
C LEU A 159 -19.14 -6.86 -19.04
N PHE A 160 -17.88 -6.45 -18.89
CA PHE A 160 -17.46 -5.44 -17.93
C PHE A 160 -17.14 -4.13 -18.66
N VAL A 161 -17.66 -3.01 -18.14
CA VAL A 161 -17.42 -1.67 -18.69
C VAL A 161 -17.03 -0.69 -17.59
N ASP A 162 -15.88 -0.03 -17.75
CA ASP A 162 -15.47 1.06 -16.88
C ASP A 162 -15.81 2.37 -17.63
N LEU A 163 -16.78 3.14 -17.09
CA LEU A 163 -17.24 4.43 -17.64
C LEU A 163 -16.36 5.53 -17.08
N GLY A 164 -15.47 6.06 -17.92
CA GLY A 164 -14.49 7.07 -17.52
C GLY A 164 -13.27 6.34 -17.02
N SER A 165 -12.66 5.55 -17.92
CA SER A 165 -11.56 4.63 -17.62
C SER A 165 -10.17 5.25 -17.46
N GLY A 166 -10.04 6.57 -17.58
CA GLY A 166 -8.75 7.24 -17.44
C GLY A 166 -7.73 6.68 -18.41
N VAL A 167 -6.59 6.18 -17.88
CA VAL A 167 -5.53 5.56 -18.69
C VAL A 167 -5.73 4.02 -18.84
N GLY A 168 -6.85 3.52 -18.31
CA GLY A 168 -7.28 2.13 -18.41
C GLY A 168 -6.87 1.16 -17.32
N GLN A 169 -6.32 1.64 -16.20
CA GLN A 169 -5.80 0.80 -15.10
C GLN A 169 -6.79 -0.24 -14.51
N VAL A 170 -8.05 0.13 -14.29
CA VAL A 170 -9.09 -0.74 -13.73
C VAL A 170 -9.39 -1.86 -14.74
N VAL A 171 -9.55 -1.49 -16.03
CA VAL A 171 -9.81 -2.42 -17.12
C VAL A 171 -8.70 -3.46 -17.20
N LEU A 172 -7.42 -3.02 -17.16
CA LEU A 172 -6.26 -3.92 -17.25
C LEU A 172 -6.20 -4.86 -16.04
N GLN A 173 -6.52 -4.36 -14.82
CA GLN A 173 -6.53 -5.20 -13.62
C GLN A 173 -7.62 -6.27 -13.69
N VAL A 174 -8.84 -5.86 -14.02
CA VAL A 174 -9.99 -6.75 -14.13
C VAL A 174 -9.76 -7.76 -15.27
N ALA A 175 -9.27 -7.31 -16.44
CA ALA A 175 -9.01 -8.25 -17.56
C ALA A 175 -7.94 -9.30 -17.19
N ALA A 176 -6.94 -8.92 -16.41
CA ALA A 176 -5.88 -9.86 -15.99
C ALA A 176 -6.41 -10.85 -14.95
N ALA A 177 -7.45 -10.44 -14.16
CA ALA A 177 -7.98 -11.26 -13.08
C ALA A 177 -9.19 -12.10 -13.40
N THR A 178 -10.10 -11.66 -14.30
CA THR A 178 -11.36 -12.38 -14.55
C THR A 178 -11.49 -13.05 -15.91
N ASN A 179 -12.54 -13.85 -16.08
CA ASN A 179 -12.82 -14.51 -17.34
C ASN A 179 -14.04 -13.91 -18.10
N CYS A 180 -14.38 -12.59 -17.94
CA CYS A 180 -15.47 -11.93 -18.69
C CYS A 180 -15.21 -12.12 -20.14
N LYS A 181 -16.29 -12.20 -20.93
CA LYS A 181 -16.27 -12.30 -22.39
C LYS A 181 -15.38 -11.15 -22.92
N HIS A 182 -15.59 -9.91 -22.41
CA HIS A 182 -14.84 -8.73 -22.82
C HIS A 182 -14.92 -7.65 -21.76
N HIS A 183 -13.86 -6.84 -21.68
CA HIS A 183 -13.71 -5.73 -20.76
C HIS A 183 -13.55 -4.47 -21.58
N TYR A 184 -14.31 -3.44 -21.26
CA TYR A 184 -14.24 -2.19 -22.02
C TYR A 184 -13.94 -1.06 -21.09
N GLY A 185 -13.16 -0.13 -21.61
CA GLY A 185 -12.85 1.11 -20.96
C GLY A 185 -13.22 2.22 -21.91
N VAL A 186 -14.06 3.16 -21.47
CA VAL A 186 -14.41 4.29 -22.32
C VAL A 186 -13.95 5.60 -21.63
N GLU A 187 -13.13 6.38 -22.33
CA GLU A 187 -12.61 7.65 -21.80
C GLU A 187 -12.83 8.78 -22.83
N LYS A 188 -13.39 9.91 -22.36
CA LYS A 188 -13.72 11.09 -23.16
C LYS A 188 -12.54 12.03 -23.28
N ALA A 189 -11.82 12.30 -22.18
CA ALA A 189 -10.69 13.22 -22.17
C ALA A 189 -9.54 12.75 -23.04
N ASP A 190 -9.03 13.64 -23.88
CA ASP A 190 -7.97 13.41 -24.86
C ASP A 190 -6.63 12.93 -24.29
N ILE A 191 -6.12 13.58 -23.21
CA ILE A 191 -4.83 13.23 -22.61
C ILE A 191 -4.86 11.77 -22.05
N PRO A 192 -5.77 11.38 -21.09
CA PRO A 192 -5.77 9.99 -20.63
C PRO A 192 -6.09 8.97 -21.72
N ALA A 193 -6.98 9.31 -22.67
CA ALA A 193 -7.31 8.40 -23.79
C ALA A 193 -6.10 8.10 -24.67
N LYS A 194 -5.22 9.10 -24.94
CA LYS A 194 -4.01 8.91 -25.73
C LYS A 194 -3.02 8.05 -24.94
N TYR A 195 -2.87 8.32 -23.63
CA TYR A 195 -2.02 7.54 -22.73
C TYR A 195 -2.51 6.07 -22.62
N ALA A 196 -3.84 5.86 -22.66
CA ALA A 196 -4.48 4.52 -22.63
C ALA A 196 -4.01 3.64 -23.80
N GLU A 197 -3.75 4.26 -24.98
CA GLU A 197 -3.25 3.57 -26.18
C GLU A 197 -1.85 2.99 -25.95
N THR A 198 -1.00 3.73 -25.21
CA THR A 198 0.33 3.24 -24.83
C THR A 198 0.19 2.18 -23.71
N MET A 199 -0.70 2.43 -22.72
CA MET A 199 -0.96 1.49 -21.61
C MET A 199 -1.35 0.11 -22.17
N ASP A 200 -2.23 0.10 -23.18
CA ASP A 200 -2.70 -1.08 -23.88
C ASP A 200 -1.54 -1.86 -24.53
N ARG A 201 -0.69 -1.20 -25.34
CA ARG A 201 0.46 -1.82 -26.00
C ARG A 201 1.45 -2.38 -24.99
N GLU A 202 1.81 -1.57 -23.95
CA GLU A 202 2.74 -1.96 -22.89
C GLU A 202 2.23 -3.14 -22.06
N PHE A 203 0.91 -3.18 -21.77
CA PHE A 203 0.30 -4.27 -21.01
C PHE A 203 0.40 -5.59 -21.75
N ARG A 204 -0.03 -5.62 -23.01
CA ARG A 204 0.05 -6.81 -23.88
C ARG A 204 1.47 -7.31 -24.02
N LYS A 205 2.45 -6.38 -24.15
CA LYS A 205 3.87 -6.69 -24.28
C LYS A 205 4.42 -7.32 -22.99
N TRP A 206 4.23 -6.64 -21.85
CA TRP A 206 4.72 -7.14 -20.55
C TRP A 206 4.07 -8.45 -20.13
N MET A 207 2.77 -8.62 -20.40
CA MET A 207 2.07 -9.87 -20.09
C MET A 207 2.65 -11.04 -20.89
N LYS A 208 3.01 -10.79 -22.16
CA LYS A 208 3.66 -11.76 -23.04
C LYS A 208 5.06 -12.05 -22.50
N TRP A 209 5.76 -11.02 -22.01
CA TRP A 209 7.12 -11.16 -21.47
C TRP A 209 7.10 -12.09 -20.25
N TYR A 210 6.13 -11.91 -19.34
CA TYR A 210 6.00 -12.76 -18.15
C TYR A 210 5.37 -14.12 -18.45
N GLY A 211 4.69 -14.25 -19.60
CA GLY A 211 4.00 -15.47 -20.00
C GLY A 211 2.68 -15.63 -19.30
N LYS A 212 2.01 -14.49 -19.08
CA LYS A 212 0.75 -14.41 -18.38
C LYS A 212 -0.45 -14.15 -19.28
N LYS A 213 -1.55 -14.80 -18.96
CA LYS A 213 -2.83 -14.70 -19.66
C LYS A 213 -3.71 -13.57 -19.07
N HIS A 214 -4.52 -12.95 -19.93
CA HIS A 214 -5.51 -11.93 -19.59
C HIS A 214 -6.69 -12.16 -20.52
N ALA A 215 -7.85 -11.70 -20.11
CA ALA A 215 -9.06 -11.79 -20.90
C ALA A 215 -8.99 -10.72 -21.99
N GLU A 216 -9.95 -10.73 -22.93
CA GLU A 216 -10.04 -9.73 -23.99
C GLU A 216 -10.49 -8.40 -23.42
N TYR A 217 -9.91 -7.31 -23.91
CA TYR A 217 -10.29 -5.98 -23.46
C TYR A 217 -10.07 -4.98 -24.58
N THR A 218 -10.78 -3.85 -24.52
CA THR A 218 -10.67 -2.74 -25.46
C THR A 218 -10.71 -1.43 -24.66
N LEU A 219 -9.74 -0.54 -24.92
CA LEU A 219 -9.69 0.79 -24.35
C LEU A 219 -10.05 1.73 -25.48
N GLU A 220 -11.16 2.46 -25.33
CA GLU A 220 -11.59 3.34 -26.42
C GLU A 220 -11.84 4.75 -25.97
N ARG A 221 -11.73 5.69 -26.91
CA ARG A 221 -12.01 7.11 -26.71
C ARG A 221 -13.49 7.26 -27.05
N GLY A 222 -14.24 7.97 -26.22
CA GLY A 222 -15.66 8.17 -26.46
C GLY A 222 -16.38 8.83 -25.33
N ASP A 223 -17.63 9.24 -25.58
CA ASP A 223 -18.53 9.85 -24.59
C ASP A 223 -19.55 8.77 -24.21
N PHE A 224 -19.50 8.28 -22.95
CA PHE A 224 -20.42 7.24 -22.49
C PHE A 224 -21.88 7.72 -22.41
N LEU A 225 -22.12 9.06 -22.61
CA LEU A 225 -23.47 9.62 -22.64
C LEU A 225 -24.02 9.78 -24.06
N SER A 226 -23.27 9.35 -25.07
CA SER A 226 -23.69 9.42 -26.48
C SER A 226 -24.78 8.40 -26.81
N GLU A 227 -25.42 8.57 -27.97
CA GLU A 227 -26.47 7.69 -28.49
C GLU A 227 -25.98 6.26 -28.65
N GLU A 228 -24.78 6.09 -29.23
CA GLU A 228 -24.11 4.82 -29.45
C GLU A 228 -23.97 4.05 -28.10
N TRP A 229 -23.55 4.76 -27.02
CA TRP A 229 -23.30 4.16 -25.72
C TRP A 229 -24.55 3.79 -24.90
N ARG A 230 -25.75 4.21 -25.32
CA ARG A 230 -27.04 3.92 -24.67
C ARG A 230 -27.36 2.40 -24.72
N GLU A 231 -27.26 1.80 -25.95
CA GLU A 231 -27.52 0.38 -26.16
C GLU A 231 -26.39 -0.44 -25.55
N ARG A 232 -25.16 0.08 -25.61
CA ARG A 232 -23.98 -0.58 -25.04
C ARG A 232 -24.08 -0.74 -23.52
N ILE A 233 -24.49 0.33 -22.81
CA ILE A 233 -24.73 0.30 -21.35
C ILE A 233 -25.87 -0.70 -21.03
N ALA A 234 -26.97 -0.67 -21.83
CA ALA A 234 -28.13 -1.57 -21.68
C ALA A 234 -27.70 -3.03 -21.78
N ASN A 235 -26.70 -3.33 -22.63
CA ASN A 235 -26.20 -4.71 -22.82
C ASN A 235 -25.03 -5.09 -21.92
N THR A 236 -24.63 -4.20 -20.99
CA THR A 236 -23.51 -4.46 -20.06
C THR A 236 -24.01 -5.17 -18.79
N SER A 237 -23.33 -6.23 -18.38
CA SER A 237 -23.73 -6.92 -17.16
C SER A 237 -23.08 -6.33 -15.89
N VAL A 238 -21.86 -5.78 -16.01
CA VAL A 238 -21.15 -5.16 -14.89
C VAL A 238 -20.59 -3.79 -15.28
N ILE A 239 -21.13 -2.70 -14.71
CA ILE A 239 -20.65 -1.33 -14.94
C ILE A 239 -19.76 -0.96 -13.71
N PHE A 240 -18.58 -0.37 -13.96
CA PHE A 240 -17.70 0.19 -12.94
C PHE A 240 -17.69 1.66 -13.23
N VAL A 241 -17.96 2.49 -12.23
CA VAL A 241 -17.99 3.92 -12.47
C VAL A 241 -17.55 4.69 -11.24
N ASN A 242 -16.51 5.51 -11.40
CA ASN A 242 -16.07 6.42 -10.36
C ASN A 242 -16.82 7.73 -10.63
N ASN A 243 -17.98 7.86 -9.98
CA ASN A 243 -18.92 8.97 -10.12
C ASN A 243 -18.77 10.00 -9.01
N PHE A 244 -17.67 9.95 -8.25
CA PHE A 244 -17.42 10.84 -7.13
C PHE A 244 -17.54 12.35 -7.48
N ALA A 245 -16.96 12.77 -8.62
CA ALA A 245 -16.99 14.16 -9.07
C ALA A 245 -18.13 14.52 -10.03
N PHE A 246 -19.07 13.59 -10.34
CA PHE A 246 -20.16 13.88 -11.28
C PHE A 246 -21.16 14.94 -10.83
N GLY A 247 -21.51 15.82 -11.76
CA GLY A 247 -22.53 16.85 -11.57
C GLY A 247 -23.93 16.24 -11.64
N PRO A 248 -25.00 17.02 -11.35
CA PRO A 248 -26.35 16.43 -11.38
C PRO A 248 -26.85 16.03 -12.77
N GLU A 249 -26.38 16.72 -13.82
CA GLU A 249 -26.77 16.42 -15.19
C GLU A 249 -26.22 15.05 -15.63
N VAL A 250 -24.93 14.80 -15.37
CA VAL A 250 -24.26 13.55 -15.69
C VAL A 250 -24.87 12.44 -14.84
N ASP A 251 -25.10 12.70 -13.54
CA ASP A 251 -25.73 11.74 -12.65
C ASP A 251 -27.14 11.33 -13.17
N HIS A 252 -27.98 12.32 -13.51
CA HIS A 252 -29.33 12.15 -14.04
C HIS A 252 -29.32 11.35 -15.34
N GLN A 253 -28.47 11.73 -16.30
CA GLN A 253 -28.31 11.06 -17.59
C GLN A 253 -27.88 9.60 -17.42
N LEU A 254 -26.93 9.33 -16.51
CA LEU A 254 -26.44 7.99 -16.21
C LEU A 254 -27.56 7.09 -15.65
N LYS A 255 -28.36 7.62 -14.73
CA LYS A 255 -29.51 6.92 -14.16
C LYS A 255 -30.51 6.52 -15.27
N GLU A 256 -30.69 7.34 -16.33
CA GLU A 256 -31.55 7.02 -17.47
C GLU A 256 -30.94 5.85 -18.25
N ARG A 257 -29.59 5.83 -18.42
CA ARG A 257 -28.87 4.75 -19.10
C ARG A 257 -29.04 3.46 -18.36
N PHE A 258 -28.89 3.51 -17.02
CA PHE A 258 -29.01 2.36 -16.12
C PHE A 258 -30.40 1.77 -16.12
N ALA A 259 -31.42 2.62 -16.29
CA ALA A 259 -32.86 2.25 -16.32
C ALA A 259 -33.18 1.30 -17.47
N ASN A 260 -32.29 1.18 -18.47
CA ASN A 260 -32.43 0.26 -19.61
C ASN A 260 -31.66 -1.05 -19.41
N MET A 261 -30.93 -1.21 -18.29
CA MET A 261 -30.17 -2.44 -18.08
C MET A 261 -31.08 -3.65 -17.78
N LYS A 262 -30.52 -4.85 -17.94
CA LYS A 262 -31.22 -6.12 -17.72
C LYS A 262 -31.27 -6.46 -16.23
N GLU A 263 -32.26 -7.28 -15.81
CA GLU A 263 -32.37 -7.79 -14.44
C GLU A 263 -31.07 -8.45 -14.07
N GLY A 264 -30.56 -8.17 -12.87
CA GLY A 264 -29.30 -8.75 -12.41
C GLY A 264 -28.08 -8.00 -12.86
N GLY A 265 -28.25 -6.95 -13.68
CA GLY A 265 -27.17 -6.08 -14.14
C GLY A 265 -26.60 -5.41 -12.90
N ARG A 266 -25.28 -5.19 -12.87
CA ARG A 266 -24.65 -4.63 -11.68
C ARG A 266 -23.85 -3.39 -11.96
N ILE A 267 -23.88 -2.46 -10.99
CA ILE A 267 -23.13 -1.21 -11.04
C ILE A 267 -22.33 -1.06 -9.76
N VAL A 268 -21.03 -0.94 -9.91
CA VAL A 268 -20.07 -0.74 -8.85
C VAL A 268 -19.61 0.74 -8.99
N SER A 269 -19.81 1.52 -7.91
CA SER A 269 -19.50 2.95 -7.93
C SER A 269 -18.91 3.44 -6.61
N SER A 270 -18.37 4.66 -6.62
CA SER A 270 -17.76 5.28 -5.44
C SER A 270 -18.80 6.07 -4.59
N LYS A 271 -19.92 6.48 -5.21
CA LYS A 271 -21.04 7.12 -4.53
C LYS A 271 -22.32 6.38 -4.93
N PRO A 272 -23.24 6.06 -3.98
CA PRO A 272 -24.48 5.37 -4.40
C PRO A 272 -25.35 6.19 -5.34
N PHE A 273 -26.00 5.52 -6.29
CA PHE A 273 -26.91 6.16 -7.25
C PHE A 273 -28.32 6.25 -6.68
N ALA A 274 -28.60 5.50 -5.62
CA ALA A 274 -29.90 5.51 -4.94
C ALA A 274 -29.64 5.42 -3.43
N PRO A 275 -30.53 5.92 -2.55
CA PRO A 275 -30.24 5.81 -1.11
C PRO A 275 -30.21 4.36 -0.68
N LEU A 276 -29.33 4.04 0.27
CA LEU A 276 -29.17 2.68 0.81
C LEU A 276 -30.44 2.20 1.52
N ASN A 277 -31.27 3.15 2.02
CA ASN A 277 -32.48 2.93 2.79
C ASN A 277 -33.74 3.32 1.99
N PHE A 278 -33.68 3.25 0.65
CA PHE A 278 -34.80 3.60 -0.22
C PHE A 278 -36.05 2.82 0.14
N ARG A 279 -37.14 3.55 0.34
CA ARG A 279 -38.44 2.94 0.62
C ARG A 279 -39.44 3.49 -0.43
N ILE A 280 -39.90 2.61 -1.31
CA ILE A 280 -40.84 2.94 -2.38
C ILE A 280 -42.19 3.42 -1.81
N ASN A 281 -42.68 4.52 -2.34
CA ASN A 281 -43.98 5.10 -1.99
C ASN A 281 -44.55 5.80 -3.24
N SER A 282 -45.76 6.37 -3.13
CA SER A 282 -46.43 7.03 -4.23
C SER A 282 -45.72 8.31 -4.72
N ARG A 283 -44.89 8.93 -3.88
CA ARG A 283 -44.21 10.20 -4.21
C ARG A 283 -42.81 10.04 -4.82
N ASN A 284 -42.24 8.82 -4.84
CA ASN A 284 -40.89 8.56 -5.36
C ASN A 284 -40.80 7.47 -6.45
N LEU A 285 -41.90 7.19 -7.21
CA LEU A 285 -41.95 6.17 -8.27
C LEU A 285 -41.05 6.45 -9.46
N SER A 286 -40.58 7.68 -9.61
CA SER A 286 -39.69 8.07 -10.68
C SER A 286 -38.23 7.76 -10.35
N ASP A 287 -37.90 7.61 -9.06
CA ASP A 287 -36.54 7.38 -8.58
C ASP A 287 -35.94 6.04 -9.04
N ILE A 288 -34.62 6.04 -9.31
CA ILE A 288 -33.89 4.84 -9.74
C ILE A 288 -33.93 3.74 -8.64
N GLY A 289 -34.13 4.12 -7.38
CA GLY A 289 -34.24 3.19 -6.25
C GLY A 289 -35.37 2.20 -6.38
N THR A 290 -36.36 2.50 -7.26
CA THR A 290 -37.52 1.61 -7.50
C THR A 290 -37.12 0.38 -8.33
N ILE A 291 -35.96 0.40 -8.99
CA ILE A 291 -35.55 -0.72 -9.86
C ILE A 291 -34.15 -1.26 -9.54
N MET A 292 -33.56 -0.86 -8.43
CA MET A 292 -32.22 -1.41 -8.07
C MET A 292 -32.02 -1.54 -6.59
N ARG A 293 -31.37 -2.65 -6.18
CA ARG A 293 -30.91 -2.88 -4.81
C ARG A 293 -29.57 -2.11 -4.73
N VAL A 294 -29.20 -1.64 -3.53
CA VAL A 294 -27.95 -0.92 -3.27
C VAL A 294 -27.39 -1.40 -1.97
N VAL A 295 -26.12 -1.81 -1.96
CA VAL A 295 -25.41 -2.25 -0.76
C VAL A 295 -24.04 -1.55 -0.69
N GLU A 296 -23.63 -1.22 0.52
CA GLU A 296 -22.32 -0.63 0.77
C GLU A 296 -21.37 -1.80 1.05
N LEU A 297 -20.28 -1.86 0.28
CA LEU A 297 -19.25 -2.88 0.49
C LEU A 297 -18.01 -2.24 1.08
N SER A 298 -17.48 -2.85 2.10
CA SER A 298 -16.30 -2.30 2.75
C SER A 298 -15.37 -3.38 3.14
N PRO A 299 -14.10 -3.28 2.73
CA PRO A 299 -13.11 -4.28 3.17
C PRO A 299 -12.91 -4.32 4.70
N LEU A 300 -13.25 -3.23 5.42
CA LEU A 300 -13.16 -3.25 6.89
C LEU A 300 -14.26 -4.14 7.50
N LYS A 301 -15.38 -4.35 6.79
CA LYS A 301 -16.46 -5.24 7.20
C LYS A 301 -16.18 -6.64 6.64
N GLY A 302 -15.78 -6.74 5.38
CA GLY A 302 -15.45 -7.99 4.70
C GLY A 302 -14.24 -8.69 5.27
N SER A 305 -8.98 -9.35 6.59
CA SER A 305 -7.72 -8.84 7.17
C SER A 305 -7.23 -7.54 6.45
N TRP A 306 -8.03 -6.47 6.54
CA TRP A 306 -7.79 -5.17 5.90
C TRP A 306 -7.08 -4.18 6.82
N THR A 307 -5.91 -3.67 6.37
CA THR A 307 -5.18 -2.67 7.15
C THR A 307 -4.98 -1.39 6.33
N GLY A 308 -5.69 -1.26 5.21
CA GLY A 308 -5.60 -0.08 4.35
C GLY A 308 -6.51 1.04 4.78
N LYS A 309 -6.85 1.93 3.83
CA LYS A 309 -7.74 3.07 4.10
C LYS A 309 -9.15 2.62 4.47
N PRO A 310 -9.82 3.34 5.39
CA PRO A 310 -11.21 2.98 5.75
C PRO A 310 -12.18 3.43 4.64
N VAL A 311 -12.17 2.73 3.51
CA VAL A 311 -12.96 3.06 2.33
C VAL A 311 -14.08 2.07 2.05
N SER A 312 -15.09 2.55 1.31
CA SER A 312 -16.27 1.82 0.89
C SER A 312 -16.52 2.05 -0.59
N TYR A 313 -17.24 1.12 -1.19
CA TYR A 313 -17.72 1.26 -2.56
C TYR A 313 -19.16 0.72 -2.53
N TYR A 314 -19.92 0.93 -3.62
CA TYR A 314 -21.33 0.60 -3.65
C TYR A 314 -21.69 -0.32 -4.77
N LEU A 315 -22.44 -1.38 -4.44
CA LEU A 315 -22.91 -2.34 -5.41
C LEU A 315 -24.45 -2.20 -5.61
N HIS A 316 -24.85 -1.86 -6.85
CA HIS A 316 -26.23 -1.72 -7.30
C HIS A 316 -26.58 -2.90 -8.20
N THR A 317 -27.75 -3.49 -7.98
CA THR A 317 -28.21 -4.61 -8.79
C THR A 317 -29.58 -4.28 -9.33
N ILE A 318 -29.75 -4.35 -10.66
CA ILE A 318 -31.04 -4.11 -11.30
C ILE A 318 -32.03 -5.18 -10.82
N ASP A 319 -33.11 -4.72 -10.22
CA ASP A 319 -34.15 -5.57 -9.66
C ASP A 319 -35.52 -4.88 -9.77
N ARG A 320 -36.23 -5.15 -10.87
CA ARG A 320 -37.54 -4.56 -11.13
C ARG A 320 -38.66 -5.15 -10.27
N THR A 321 -38.40 -6.21 -9.49
CA THR A 321 -39.38 -6.78 -8.56
C THR A 321 -39.66 -5.81 -7.39
N ILE A 322 -38.79 -4.82 -7.14
CA ILE A 322 -38.99 -3.78 -6.14
C ILE A 322 -40.25 -2.99 -6.56
N LEU A 323 -40.31 -2.59 -7.85
CA LEU A 323 -41.44 -1.87 -8.44
C LEU A 323 -42.66 -2.78 -8.53
N GLU A 324 -42.47 -4.02 -9.00
CA GLU A 324 -43.55 -5.02 -9.14
C GLU A 324 -44.28 -5.29 -7.81
N ASN A 325 -43.52 -5.49 -6.69
CA ASN A 325 -44.07 -5.77 -5.34
C ASN A 325 -44.89 -4.60 -4.85
N TYR A 326 -44.48 -3.37 -5.17
CA TYR A 326 -45.23 -2.17 -4.80
C TYR A 326 -46.59 -2.15 -5.46
N PHE A 327 -46.64 -2.49 -6.78
CA PHE A 327 -47.90 -2.55 -7.52
C PHE A 327 -48.80 -3.68 -7.03
N SER A 328 -48.21 -4.86 -6.74
CA SER A 328 -48.93 -6.04 -6.21
C SER A 328 -49.49 -5.74 -4.83
N SER A 329 -48.74 -4.98 -3.99
CA SER A 329 -49.21 -4.58 -2.64
C SER A 329 -50.37 -3.61 -2.70
N LEU A 330 -50.46 -2.77 -3.76
CA LEU A 330 -51.61 -1.86 -3.92
C LEU A 330 -52.85 -2.62 -4.37
N LYS A 331 -52.68 -3.63 -5.25
CA LYS A 331 -53.76 -4.43 -5.83
C LYS A 331 -54.19 -5.59 -4.93
N ASN A 332 -53.32 -5.98 -4.00
CA ASN A 332 -53.56 -7.11 -3.11
C ASN A 332 -53.19 -6.71 -1.66
N PRO A 333 -53.97 -5.81 -1.01
CA PRO A 333 -53.64 -5.43 0.38
C PRO A 333 -54.20 -6.44 1.39
N LYS B 5 -12.60 30.49 14.65
CA LYS B 5 -13.71 30.70 13.73
C LYS B 5 -13.45 29.95 12.40
N LEU B 6 -12.40 30.39 11.66
CA LEU B 6 -12.00 29.77 10.40
C LEU B 6 -11.23 28.48 10.68
N GLU B 7 -11.95 27.46 11.17
CA GLU B 7 -11.29 26.21 11.52
C GLU B 7 -12.28 25.07 11.62
N LEU B 8 -11.76 23.87 11.68
CA LEU B 8 -12.54 22.65 11.84
C LEU B 8 -12.02 21.95 13.09
N ARG B 9 -12.94 21.42 13.90
CA ARG B 9 -12.58 20.74 15.16
C ARG B 9 -13.15 19.34 15.21
N LEU B 10 -12.33 18.38 15.69
CA LEU B 10 -12.73 17.00 15.90
C LEU B 10 -12.53 16.68 17.37
N LYS B 11 -13.62 16.36 18.05
CA LYS B 11 -13.56 16.00 19.46
C LYS B 11 -12.95 14.62 19.58
N SER B 12 -12.17 14.46 20.64
CA SER B 12 -11.54 13.20 20.95
C SER B 12 -12.58 12.18 21.41
N PRO B 13 -12.52 10.90 20.95
CA PRO B 13 -13.46 9.87 21.48
C PRO B 13 -13.27 9.56 22.97
N VAL B 14 -12.12 9.92 23.58
CA VAL B 14 -11.80 9.66 25.00
C VAL B 14 -11.73 10.95 25.83
N GLY B 15 -12.11 12.07 25.27
CA GLY B 15 -12.16 13.31 26.03
C GLY B 15 -10.86 14.09 26.15
N ALA B 16 -9.86 13.76 25.32
CA ALA B 16 -8.61 14.51 25.25
C ALA B 16 -8.94 15.88 24.54
N GLU B 17 -7.94 16.78 24.42
CA GLU B 17 -8.13 18.07 23.75
C GLU B 17 -8.56 17.85 22.27
N PRO B 18 -9.50 18.63 21.71
CA PRO B 18 -9.92 18.37 20.32
C PRO B 18 -8.81 18.60 19.29
N ALA B 19 -8.89 17.95 18.12
CA ALA B 19 -7.96 18.18 17.00
C ALA B 19 -8.53 19.42 16.28
N VAL B 20 -7.70 20.43 16.11
CA VAL B 20 -8.11 21.71 15.51
C VAL B 20 -7.33 21.92 14.23
N TYR B 21 -8.04 22.12 13.13
CA TYR B 21 -7.45 22.34 11.82
C TYR B 21 -7.82 23.73 11.30
N PRO B 22 -6.89 24.49 10.76
CA PRO B 22 -7.28 25.78 10.19
C PRO B 22 -7.94 25.61 8.81
N TRP B 23 -8.79 26.57 8.42
CA TRP B 23 -9.37 26.60 7.10
C TRP B 23 -8.74 27.84 6.44
N PRO B 24 -8.26 27.80 5.17
CA PRO B 24 -8.18 26.64 4.25
C PRO B 24 -7.33 25.50 4.82
N LEU B 25 -7.75 24.27 4.58
CA LEU B 25 -7.04 23.12 5.09
C LEU B 25 -5.65 22.91 4.47
N PRO B 26 -4.64 22.50 5.26
CA PRO B 26 -3.30 22.23 4.70
C PRO B 26 -3.28 21.11 3.65
N VAL B 27 -2.39 21.26 2.69
CA VAL B 27 -2.16 20.28 1.63
C VAL B 27 -0.84 19.61 1.96
N TYR B 28 -0.81 18.28 1.94
CA TYR B 28 0.39 17.50 2.25
C TYR B 28 1.23 17.19 0.99
N ASP B 29 0.56 16.80 -0.12
CA ASP B 29 1.11 16.57 -1.46
C ASP B 29 0.00 16.69 -2.53
N LYS B 30 0.33 16.42 -3.82
CA LYS B 30 -0.58 16.53 -4.97
C LYS B 30 -1.91 15.77 -4.83
N HIS B 31 -1.92 14.60 -4.13
CA HIS B 31 -3.14 13.79 -3.97
C HIS B 31 -3.60 13.56 -2.50
N HIS B 32 -2.81 14.08 -1.50
CA HIS B 32 -3.03 13.93 -0.05
C HIS B 32 -3.14 15.27 0.71
N ASP B 33 -4.25 15.46 1.48
CA ASP B 33 -4.51 16.69 2.23
C ASP B 33 -5.22 16.44 3.57
N ALA B 34 -5.35 17.51 4.41
CA ALA B 34 -6.01 17.48 5.70
C ALA B 34 -7.51 17.11 5.64
N ALA B 35 -8.19 17.41 4.52
CA ALA B 35 -9.63 17.10 4.35
C ALA B 35 -9.84 15.58 4.38
N HIS B 36 -9.00 14.82 3.64
CA HIS B 36 -9.01 13.36 3.59
C HIS B 36 -8.57 12.76 4.91
N GLU B 37 -7.65 13.42 5.60
CA GLU B 37 -7.22 12.99 6.93
C GLU B 37 -8.38 13.11 7.93
N ILE B 38 -9.17 14.21 7.86
CA ILE B 38 -10.34 14.41 8.73
C ILE B 38 -11.37 13.31 8.50
N ILE B 39 -11.70 13.04 7.23
CA ILE B 39 -12.71 12.02 6.84
C ILE B 39 -12.29 10.65 7.31
N GLU B 40 -11.03 10.28 7.09
CA GLU B 40 -10.50 8.98 7.48
C GLU B 40 -10.40 8.84 9.00
N THR B 41 -10.06 9.93 9.71
CA THR B 41 -10.05 9.95 11.18
C THR B 41 -11.44 9.61 11.71
N ILE B 42 -12.49 10.30 11.15
CA ILE B 42 -13.89 10.06 11.53
C ILE B 42 -14.27 8.60 11.26
N ARG B 43 -13.91 8.08 10.08
CA ARG B 43 -14.22 6.71 9.72
C ARG B 43 -13.55 5.68 10.61
N TRP B 44 -12.23 5.87 10.97
CA TRP B 44 -11.55 4.97 11.90
C TRP B 44 -12.20 4.94 13.29
N VAL B 45 -12.54 6.12 13.83
CA VAL B 45 -13.16 6.21 15.16
C VAL B 45 -14.55 5.51 15.17
N CYS B 46 -15.34 5.71 14.09
CA CYS B 46 -16.64 5.05 13.93
C CYS B 46 -16.51 3.54 13.78
N GLU B 47 -15.48 3.10 13.06
CA GLU B 47 -15.25 1.68 12.85
C GLU B 47 -14.95 0.97 14.13
N GLU B 48 -14.22 1.64 14.98
CA GLU B 48 -13.79 0.99 16.19
C GLU B 48 -14.64 1.28 17.40
N ILE B 49 -15.55 2.27 17.31
CA ILE B 49 -16.53 2.55 18.38
C ILE B 49 -17.95 2.29 17.80
N PRO B 50 -18.45 1.03 17.89
CA PRO B 50 -19.76 0.68 17.29
C PRO B 50 -20.93 1.59 17.68
N ASP B 51 -21.00 2.07 18.95
CA ASP B 51 -22.08 2.99 19.39
C ASP B 51 -22.02 4.31 18.63
N LEU B 52 -20.80 4.74 18.30
CA LEU B 52 -20.55 5.96 17.56
C LEU B 52 -21.10 5.87 16.14
N LYS B 53 -20.83 4.75 15.41
CA LYS B 53 -21.39 4.52 14.06
C LYS B 53 -22.92 4.53 14.14
N LEU B 54 -23.51 3.93 15.23
CA LEU B 54 -24.97 3.97 15.45
C LEU B 54 -25.48 5.40 15.65
N ALA B 55 -24.81 6.19 16.54
CA ALA B 55 -25.30 7.56 16.84
C ALA B 55 -25.15 8.52 15.66
N MET B 56 -24.09 8.35 14.85
CA MET B 56 -23.85 9.28 13.75
C MET B 56 -24.79 9.13 12.59
N GLU B 57 -25.28 10.26 12.06
CA GLU B 57 -26.13 10.33 10.84
C GLU B 57 -25.06 10.18 9.73
N ASN B 58 -24.89 8.96 9.26
CA ASN B 58 -23.77 8.62 8.38
C ASN B 58 -23.93 9.06 6.89
N TYR B 59 -25.08 9.68 6.48
CA TYR B 59 -25.24 10.16 5.08
C TYR B 59 -24.16 11.20 4.78
N VAL B 60 -23.67 11.89 5.83
CA VAL B 60 -22.69 12.97 5.71
C VAL B 60 -21.33 12.45 5.23
N LEU B 61 -21.04 11.17 5.49
CA LEU B 61 -19.81 10.52 5.04
C LEU B 61 -19.86 10.14 3.54
N ILE B 62 -20.99 10.33 2.88
CA ILE B 62 -21.20 10.08 1.46
C ILE B 62 -21.22 11.45 0.75
N ASP B 63 -22.10 12.34 1.23
CA ASP B 63 -22.29 13.69 0.68
C ASP B 63 -21.48 14.75 1.41
N TYR B 64 -20.21 14.90 0.96
CA TYR B 64 -19.29 15.91 1.46
C TYR B 64 -18.57 16.56 0.30
N ASP B 65 -18.20 17.81 0.45
CA ASP B 65 -17.44 18.57 -0.54
C ASP B 65 -16.23 19.13 0.23
N THR B 66 -15.06 18.54 0.01
CA THR B 66 -13.79 18.92 0.65
C THR B 66 -13.37 20.37 0.38
N LYS B 67 -13.97 21.01 -0.63
CA LYS B 67 -13.70 22.38 -1.06
C LYS B 67 -14.75 23.34 -0.57
N SER B 68 -15.60 22.88 0.34
CA SER B 68 -16.65 23.74 0.89
C SER B 68 -16.51 23.79 2.40
N PHE B 69 -16.29 25.00 2.96
CA PHE B 69 -16.12 25.16 4.41
C PHE B 69 -17.36 24.65 5.16
N GLU B 70 -18.55 25.07 4.71
CA GLU B 70 -19.83 24.71 5.29
C GLU B 70 -20.07 23.21 5.28
N SER B 71 -19.72 22.53 4.18
CA SER B 71 -19.88 21.10 4.03
C SER B 71 -18.93 20.33 4.96
N MET B 72 -17.64 20.77 5.03
CA MET B 72 -16.67 20.15 5.96
C MET B 72 -17.06 20.39 7.42
N GLN B 73 -17.57 21.59 7.71
CA GLN B 73 -18.03 21.95 9.04
C GLN B 73 -19.26 21.10 9.46
N ARG B 74 -20.15 20.76 8.54
CA ARG B 74 -21.33 19.96 8.84
C ARG B 74 -20.92 18.50 9.10
N LEU B 75 -19.90 18.00 8.38
CA LEU B 75 -19.35 16.66 8.59
C LEU B 75 -18.73 16.56 10.01
N CYS B 76 -17.93 17.55 10.40
CA CYS B 76 -17.29 17.60 11.72
C CYS B 76 -18.35 17.78 12.80
N ASP B 77 -19.37 18.57 12.50
CA ASP B 77 -20.43 18.80 13.46
C ASP B 77 -21.29 17.51 13.72
N LYS B 78 -21.52 16.68 12.69
CA LYS B 78 -22.28 15.44 12.88
C LYS B 78 -21.45 14.50 13.72
N TYR B 79 -20.15 14.44 13.44
CA TYR B 79 -19.29 13.56 14.18
C TYR B 79 -19.20 14.00 15.66
N ASN B 80 -19.01 15.30 15.90
CA ASN B 80 -18.90 15.88 17.24
C ASN B 80 -20.17 15.69 18.08
N ARG B 81 -21.37 15.81 17.46
CA ARG B 81 -22.65 15.60 18.14
C ARG B 81 -22.80 14.13 18.54
N ALA B 82 -22.31 13.21 17.68
CA ALA B 82 -22.37 11.78 17.92
C ALA B 82 -21.44 11.42 19.09
N ILE B 83 -20.28 12.11 19.20
CA ILE B 83 -19.32 11.98 20.31
C ILE B 83 -20.01 12.39 21.61
N ASP B 84 -20.71 13.55 21.60
CA ASP B 84 -21.45 14.06 22.76
C ASP B 84 -22.50 13.06 23.26
N SER B 85 -23.24 12.42 22.34
CA SER B 85 -24.29 11.43 22.65
C SER B 85 -23.71 10.19 23.34
N ILE B 86 -22.60 9.68 22.81
CA ILE B 86 -21.86 8.52 23.30
C ILE B 86 -21.27 8.82 24.68
N HIS B 87 -20.79 10.06 24.89
CA HIS B 87 -20.33 10.50 26.19
C HIS B 87 -21.50 10.57 27.17
N GLN B 88 -22.71 10.90 26.70
CA GLN B 88 -23.87 10.89 27.59
C GLN B 88 -24.26 9.42 27.90
N LEU B 89 -24.22 8.58 26.88
CA LEU B 89 -24.56 7.16 27.01
C LEU B 89 -23.58 6.45 27.98
N TRP B 90 -22.28 6.73 27.88
CA TRP B 90 -21.29 6.14 28.76
C TRP B 90 -21.33 6.68 30.19
N LYS B 91 -21.90 7.87 30.38
CA LYS B 91 -22.12 8.55 31.65
C LYS B 91 -23.20 7.73 32.40
N GLY B 92 -24.32 7.42 31.72
CA GLY B 92 -25.41 6.59 32.24
C GLY B 92 -25.03 5.11 32.37
N THR B 93 -24.33 4.55 31.37
CA THR B 93 -23.90 3.14 31.31
C THR B 93 -22.49 2.98 31.86
N ASN B 100 -7.38 2.17 27.76
CA ASN B 100 -6.42 2.32 26.67
C ASN B 100 -5.85 0.98 26.15
N THR B 101 -6.14 0.66 24.87
CA THR B 101 -5.68 -0.57 24.21
C THR B 101 -4.62 -0.24 23.11
N ARG B 102 -3.97 -1.26 22.53
CA ARG B 102 -3.03 -1.02 21.44
C ARG B 102 -3.85 -0.74 20.17
N PRO B 103 -3.39 0.14 19.28
CA PRO B 103 -4.18 0.37 18.05
C PRO B 103 -4.16 -0.86 17.15
N SER B 104 -5.22 -1.06 16.36
CA SER B 104 -5.23 -2.12 15.35
C SER B 104 -4.13 -1.72 14.31
N THR B 105 -3.70 -2.64 13.45
CA THR B 105 -2.70 -2.32 12.43
C THR B 105 -3.19 -1.23 11.45
N GLY B 106 -4.46 -1.32 11.05
CA GLY B 106 -5.08 -0.34 10.17
C GLY B 106 -5.08 1.04 10.77
N LEU B 107 -5.49 1.15 12.02
CA LEU B 107 -5.49 2.43 12.73
C LEU B 107 -4.07 2.96 12.90
N LEU B 108 -3.11 2.07 13.24
CA LEU B 108 -1.71 2.46 13.39
C LEU B 108 -1.14 3.06 12.10
N ARG B 109 -1.43 2.47 10.95
CA ARG B 109 -0.99 3.00 9.65
C ARG B 109 -1.48 4.46 9.48
N HIS B 110 -2.78 4.70 9.79
CA HIS B 110 -3.42 6.03 9.74
C HIS B 110 -2.75 7.00 10.74
N ILE B 111 -2.54 6.56 12.00
CA ILE B 111 -1.87 7.39 13.02
C ILE B 111 -0.47 7.83 12.59
N LEU B 112 0.34 6.91 12.05
CA LEU B 112 1.71 7.21 11.65
C LEU B 112 1.77 8.20 10.48
N GLN B 113 0.86 8.04 9.51
CA GLN B 113 0.74 8.95 8.37
C GLN B 113 0.37 10.36 8.84
N GLN B 114 -0.59 10.44 9.75
CA GLN B 114 -1.12 11.66 10.36
C GLN B 114 0.00 12.36 11.17
N VAL B 115 0.74 11.58 11.98
CA VAL B 115 1.88 12.10 12.75
C VAL B 115 2.95 12.68 11.78
N TYR B 116 3.28 11.97 10.70
CA TYR B 116 4.23 12.45 9.71
C TYR B 116 3.73 13.77 9.04
N ASN B 117 2.48 13.80 8.58
CA ASN B 117 1.88 14.94 7.88
C ASN B 117 1.84 16.21 8.74
N HIS B 118 1.69 16.07 10.07
CA HIS B 118 1.69 17.18 11.03
C HIS B 118 3.10 17.53 11.51
N SER B 119 4.09 16.70 11.19
CA SER B 119 5.46 16.91 11.64
C SER B 119 6.43 17.36 10.56
N VAL B 120 6.43 16.66 9.42
CA VAL B 120 7.34 16.93 8.32
C VAL B 120 6.59 17.75 7.28
N THR B 121 6.58 19.05 7.55
CA THR B 121 5.92 20.10 6.78
C THR B 121 6.69 20.50 5.52
N ASP B 122 8.02 20.31 5.54
CA ASP B 122 8.86 20.59 4.38
C ASP B 122 9.68 19.32 4.06
N PRO B 123 9.13 18.39 3.25
CA PRO B 123 9.86 17.15 2.94
C PRO B 123 11.08 17.34 2.04
N GLU B 124 11.16 18.50 1.33
CA GLU B 124 12.30 18.88 0.47
C GLU B 124 13.58 18.94 1.30
N LYS B 125 13.46 19.45 2.56
CA LYS B 125 14.54 19.62 3.54
C LYS B 125 15.28 18.33 3.91
N LEU B 126 14.61 17.17 3.76
CA LEU B 126 15.19 15.86 4.09
C LEU B 126 16.39 15.46 3.20
N ASN B 127 16.35 15.83 1.90
CA ASN B 127 17.38 15.48 0.89
C ASN B 127 17.64 13.95 0.90
N ASN B 128 16.53 13.19 0.74
CA ASN B 128 16.49 11.72 0.76
C ASN B 128 15.82 11.20 -0.52
N TYR B 129 16.66 10.75 -1.48
CA TYR B 129 16.25 10.22 -2.78
C TYR B 129 16.09 8.70 -2.77
N GLU B 130 16.45 8.05 -1.64
CA GLU B 130 16.41 6.60 -1.41
C GLU B 130 14.98 6.04 -1.38
N PRO B 131 14.75 4.73 -1.75
CA PRO B 131 13.39 4.18 -1.65
C PRO B 131 12.96 3.94 -0.19
N PHE B 132 13.91 4.07 0.73
CA PHE B 132 13.77 3.91 2.18
C PHE B 132 13.54 5.31 2.85
N SER B 133 13.13 6.34 2.08
CA SER B 133 12.91 7.70 2.61
C SER B 133 11.62 7.87 3.48
N PRO B 134 11.69 8.71 4.56
CA PRO B 134 10.50 8.91 5.42
C PRO B 134 9.20 9.24 4.69
N GLU B 135 9.32 9.95 3.54
CA GLU B 135 8.24 10.39 2.66
C GLU B 135 7.34 9.23 2.20
N VAL B 136 7.94 8.06 1.92
CA VAL B 136 7.23 6.88 1.41
C VAL B 136 7.14 5.70 2.42
N TYR B 137 7.25 5.98 3.74
CA TYR B 137 7.21 4.95 4.78
C TYR B 137 5.95 4.04 4.74
N GLY B 138 4.79 4.64 4.51
CA GLY B 138 3.52 3.91 4.44
C GLY B 138 3.39 2.94 3.29
N GLU B 139 4.19 3.09 2.22
CA GLU B 139 4.19 2.28 0.99
C GLU B 139 4.55 0.78 1.18
N THR B 140 5.79 0.47 1.63
CA THR B 140 6.29 -0.89 1.79
C THR B 140 6.84 -1.12 3.20
N SER B 141 7.54 -0.11 3.76
CA SER B 141 8.17 -0.20 5.07
C SER B 141 7.20 -0.54 6.19
N PHE B 142 6.03 0.14 6.24
CA PHE B 142 5.06 -0.10 7.30
C PHE B 142 4.69 -1.60 7.32
N ASP B 143 4.35 -2.16 6.15
CA ASP B 143 3.95 -3.55 6.01
C ASP B 143 5.06 -4.52 6.36
N LEU B 144 6.28 -4.21 5.96
CA LEU B 144 7.43 -5.05 6.24
C LEU B 144 7.78 -5.00 7.72
N VAL B 145 7.64 -3.81 8.36
CA VAL B 145 7.83 -3.65 9.80
C VAL B 145 6.76 -4.45 10.57
N ALA B 146 5.49 -4.40 10.11
CA ALA B 146 4.36 -5.13 10.71
C ALA B 146 4.64 -6.64 10.66
N GLN B 147 5.14 -7.16 9.52
CA GLN B 147 5.52 -8.56 9.29
C GLN B 147 6.64 -8.98 10.24
N MET B 148 7.65 -8.09 10.42
CA MET B 148 8.79 -8.22 11.32
C MET B 148 8.30 -8.33 12.78
N ILE B 149 7.37 -7.44 13.21
CA ILE B 149 6.80 -7.46 14.57
C ILE B 149 6.13 -8.83 14.86
N ASP B 150 5.34 -9.37 13.90
CA ASP B 150 4.68 -10.68 14.04
C ASP B 150 5.65 -11.84 14.07
N GLU B 151 6.78 -11.72 13.37
CA GLU B 151 7.77 -12.79 13.29
C GLU B 151 8.75 -12.84 14.47
N ILE B 152 9.29 -11.68 14.83
CA ILE B 152 10.30 -11.53 15.88
C ILE B 152 9.52 -11.28 17.17
N LYS B 153 9.27 -12.35 17.93
CA LYS B 153 8.46 -12.22 19.15
C LYS B 153 9.26 -11.52 20.21
N MET B 154 8.72 -10.41 20.71
CA MET B 154 9.34 -9.53 21.69
C MET B 154 8.51 -9.46 22.95
N THR B 155 9.19 -9.47 24.10
CA THR B 155 8.56 -9.43 25.42
C THR B 155 9.07 -8.23 26.21
N ASP B 156 8.57 -8.07 27.46
CA ASP B 156 8.91 -7.00 28.41
C ASP B 156 10.40 -7.06 28.83
N ASP B 157 11.08 -8.19 28.58
CA ASP B 157 12.51 -8.38 28.88
C ASP B 157 13.40 -7.80 27.77
N ASP B 158 12.80 -7.43 26.62
CA ASP B 158 13.53 -6.91 25.47
C ASP B 158 13.74 -5.41 25.47
N LEU B 159 14.85 -4.99 24.87
CA LEU B 159 15.20 -3.60 24.61
C LEU B 159 15.41 -3.54 23.09
N PHE B 160 14.68 -2.65 22.43
CA PHE B 160 14.73 -2.49 20.98
C PHE B 160 15.46 -1.19 20.63
N VAL B 161 16.36 -1.26 19.65
CA VAL B 161 17.12 -0.10 19.18
C VAL B 161 17.11 -0.07 17.64
N ASP B 162 16.67 1.07 17.05
CA ASP B 162 16.78 1.34 15.63
C ASP B 162 18.02 2.23 15.44
N LEU B 163 19.06 1.69 14.78
CA LEU B 163 20.32 2.40 14.48
C LEU B 163 20.17 3.14 13.15
N GLY B 164 20.03 4.47 13.24
CA GLY B 164 19.77 5.33 12.08
C GLY B 164 18.28 5.39 11.88
N SER B 165 17.59 5.91 12.90
CA SER B 165 16.13 5.94 12.99
C SER B 165 15.40 7.01 12.15
N GLY B 166 16.13 7.84 11.39
CA GLY B 166 15.51 8.89 10.57
C GLY B 166 14.67 9.83 11.40
N VAL B 167 13.36 9.94 11.07
CA VAL B 167 12.40 10.77 11.81
C VAL B 167 11.68 9.95 12.91
N GLY B 168 12.09 8.70 13.12
CA GLY B 168 11.60 7.81 14.16
C GLY B 168 10.45 6.88 13.86
N GLN B 169 10.04 6.76 12.60
CA GLN B 169 8.86 5.97 12.16
C GLN B 169 8.84 4.49 12.61
N VAL B 170 9.97 3.77 12.52
CA VAL B 170 10.09 2.34 12.90
C VAL B 170 9.91 2.24 14.42
N VAL B 171 10.58 3.10 15.18
CA VAL B 171 10.49 3.15 16.63
C VAL B 171 9.04 3.36 17.08
N LEU B 172 8.33 4.35 16.49
CA LEU B 172 6.92 4.63 16.80
C LEU B 172 6.01 3.45 16.48
N GLN B 173 6.25 2.76 15.34
CA GLN B 173 5.44 1.58 14.96
C GLN B 173 5.64 0.44 15.94
N VAL B 174 6.91 0.11 16.25
CA VAL B 174 7.27 -0.97 17.15
C VAL B 174 6.80 -0.65 18.57
N ALA B 175 6.99 0.58 19.05
CA ALA B 175 6.53 0.97 20.41
C ALA B 175 4.98 0.86 20.53
N ALA B 176 4.25 1.19 19.46
CA ALA B 176 2.78 1.07 19.48
C ALA B 176 2.34 -0.39 19.45
N ALA B 177 3.17 -1.28 18.87
CA ALA B 177 2.79 -2.68 18.70
C ALA B 177 3.31 -3.66 19.77
N THR B 178 4.49 -3.41 20.37
CA THR B 178 5.08 -4.39 21.29
C THR B 178 5.13 -3.96 22.77
N ASN B 179 5.48 -4.91 23.64
CA ASN B 179 5.62 -4.63 25.06
C ASN B 179 7.11 -4.60 25.55
N CYS B 180 8.12 -4.25 24.67
CA CYS B 180 9.54 -4.10 25.09
C CYS B 180 9.59 -3.14 26.22
N LYS B 181 10.57 -3.35 27.11
CA LYS B 181 10.87 -2.48 28.24
C LYS B 181 11.01 -1.02 27.72
N HIS B 182 11.77 -0.84 26.62
CA HIS B 182 12.01 0.46 26.01
C HIS B 182 12.45 0.29 24.57
N HIS B 183 12.12 1.29 23.75
CA HIS B 183 12.43 1.37 22.34
C HIS B 183 13.28 2.61 22.13
N TYR B 184 14.39 2.47 21.43
CA TYR B 184 15.27 3.62 21.18
C TYR B 184 15.48 3.80 19.71
N GLY B 185 15.55 5.04 19.32
CA GLY B 185 15.89 5.47 17.97
C GLY B 185 17.08 6.39 18.08
N VAL B 186 18.16 6.07 17.36
CA VAL B 186 19.33 6.95 17.35
C VAL B 186 19.56 7.45 15.92
N GLU B 187 19.59 8.77 15.75
CA GLU B 187 19.80 9.40 14.44
C GLU B 187 20.90 10.46 14.53
N LYS B 188 21.86 10.41 13.60
CA LYS B 188 23.04 11.28 13.54
C LYS B 188 22.74 12.57 12.77
N ALA B 189 22.05 12.47 11.62
CA ALA B 189 21.76 13.63 10.78
C ALA B 189 20.83 14.62 11.47
N ASP B 190 21.22 15.91 11.43
CA ASP B 190 20.55 17.04 12.06
C ASP B 190 19.09 17.27 11.64
N ILE B 191 18.79 17.25 10.31
CA ILE B 191 17.43 17.49 9.78
C ILE B 191 16.45 16.40 10.28
N PRO B 192 16.66 15.07 10.02
CA PRO B 192 15.70 14.07 10.54
C PRO B 192 15.62 14.03 12.06
N ALA B 193 16.75 14.25 12.78
CA ALA B 193 16.75 14.26 14.25
C ALA B 193 15.88 15.40 14.83
N LYS B 194 15.89 16.58 14.18
CA LYS B 194 15.05 17.72 14.60
C LYS B 194 13.57 17.42 14.32
N TYR B 195 13.28 16.83 13.14
CA TYR B 195 11.94 16.39 12.76
C TYR B 195 11.41 15.29 13.71
N ALA B 196 12.29 14.38 14.18
CA ALA B 196 11.99 13.31 15.13
C ALA B 196 11.40 13.86 16.44
N GLU B 197 11.85 15.06 16.87
CA GLU B 197 11.38 15.76 18.08
C GLU B 197 9.90 16.16 17.94
N THR B 198 9.50 16.59 16.73
CA THR B 198 8.11 16.92 16.44
C THR B 198 7.30 15.60 16.29
N MET B 199 7.87 14.57 15.60
CA MET B 199 7.22 13.26 15.41
C MET B 199 6.84 12.66 16.78
N ASP B 200 7.76 12.76 17.74
CA ASP B 200 7.59 12.31 19.11
C ASP B 200 6.40 12.99 19.81
N ARG B 201 6.35 14.34 19.79
CA ARG B 201 5.28 15.13 20.40
C ARG B 201 3.93 14.83 19.74
N GLU B 202 3.89 14.81 18.40
CA GLU B 202 2.67 14.52 17.62
C GLU B 202 2.14 13.09 17.85
N PHE B 203 3.05 12.11 17.99
CA PHE B 203 2.68 10.72 18.24
C PHE B 203 1.98 10.58 19.58
N ARG B 204 2.62 11.09 20.65
CA ARG B 204 2.07 11.06 22.01
C ARG B 204 0.71 11.76 22.08
N LYS B 205 0.57 12.91 21.36
CA LYS B 205 -0.66 13.69 21.31
C LYS B 205 -1.79 12.90 20.60
N TRP B 206 -1.54 12.42 19.38
CA TRP B 206 -2.52 11.67 18.60
C TRP B 206 -2.92 10.35 19.27
N MET B 207 -1.97 9.64 19.86
CA MET B 207 -2.27 8.40 20.58
C MET B 207 -3.20 8.66 21.78
N LYS B 208 -3.00 9.80 22.48
CA LYS B 208 -3.85 10.23 23.58
C LYS B 208 -5.22 10.59 23.03
N TRP B 209 -5.28 11.25 21.85
CA TRP B 209 -6.52 11.65 21.20
C TRP B 209 -7.37 10.42 20.89
N TYR B 210 -6.74 9.35 20.34
CA TYR B 210 -7.45 8.10 20.01
C TYR B 210 -7.72 7.24 21.21
N GLY B 211 -6.99 7.48 22.31
CA GLY B 211 -7.11 6.70 23.54
C GLY B 211 -6.35 5.40 23.44
N LYS B 212 -5.22 5.43 22.75
CA LYS B 212 -4.39 4.26 22.48
C LYS B 212 -3.11 4.22 23.29
N LYS B 213 -2.74 3.03 23.69
CA LYS B 213 -1.54 2.73 24.48
C LYS B 213 -0.34 2.42 23.55
N HIS B 214 0.88 2.77 24.03
CA HIS B 214 2.16 2.48 23.38
C HIS B 214 3.15 2.21 24.48
N ALA B 215 4.22 1.49 24.16
CA ALA B 215 5.31 1.21 25.10
C ALA B 215 6.18 2.47 25.21
N GLU B 216 7.13 2.47 26.15
CA GLU B 216 8.06 3.56 26.34
C GLU B 216 9.07 3.62 25.19
N TYR B 217 9.40 4.83 24.76
CA TYR B 217 10.36 4.99 23.68
C TYR B 217 11.07 6.32 23.81
N THR B 218 12.27 6.41 23.21
CA THR B 218 13.10 7.61 23.18
C THR B 218 13.70 7.76 21.81
N LEU B 219 13.55 8.96 21.20
CA LEU B 219 14.18 9.32 19.92
C LEU B 219 15.30 10.27 20.26
N GLU B 220 16.54 9.87 19.97
CA GLU B 220 17.67 10.72 20.32
C GLU B 220 18.62 10.98 19.18
N ARG B 221 19.33 12.12 19.25
CA ARG B 221 20.35 12.52 18.29
C ARG B 221 21.67 11.89 18.79
N GLY B 222 22.42 11.30 17.87
CA GLY B 222 23.69 10.68 18.25
C GLY B 222 24.30 9.85 17.16
N ASP B 223 25.56 9.45 17.36
CA ASP B 223 26.34 8.59 16.45
C ASP B 223 26.38 7.23 17.10
N PHE B 224 25.72 6.23 16.49
CA PHE B 224 25.67 4.87 17.02
C PHE B 224 27.06 4.17 17.02
N LEU B 225 28.08 4.81 16.39
CA LEU B 225 29.46 4.29 16.37
C LEU B 225 30.33 4.93 17.45
N SER B 226 29.77 5.85 18.27
CA SER B 226 30.51 6.52 19.37
C SER B 226 30.83 5.54 20.51
N GLU B 227 31.69 5.96 21.45
CA GLU B 227 32.08 5.16 22.63
C GLU B 227 30.90 4.87 23.54
N GLU B 228 30.04 5.88 23.77
CA GLU B 228 28.83 5.79 24.59
C GLU B 228 27.93 4.66 24.06
N TRP B 229 27.72 4.62 22.73
CA TRP B 229 26.87 3.63 22.07
C TRP B 229 27.45 2.20 22.00
N ARG B 230 28.74 1.99 22.38
CA ARG B 230 29.35 0.67 22.42
C ARG B 230 28.68 -0.25 23.49
N GLU B 231 28.53 0.23 24.72
CA GLU B 231 27.94 -0.52 25.82
C GLU B 231 26.43 -0.63 25.63
N ARG B 232 25.82 0.40 25.04
CA ARG B 232 24.37 0.43 24.74
C ARG B 232 23.97 -0.66 23.76
N ILE B 233 24.73 -0.83 22.65
CA ILE B 233 24.52 -1.90 21.66
C ILE B 233 24.71 -3.28 22.34
N ALA B 234 25.77 -3.43 23.17
CA ALA B 234 26.08 -4.67 23.91
C ALA B 234 24.91 -5.08 24.81
N ASN B 235 24.20 -4.08 25.38
CA ASN B 235 23.05 -4.35 26.26
C ASN B 235 21.69 -4.38 25.55
N THR B 236 21.67 -4.31 24.21
CA THR B 236 20.43 -4.35 23.42
C THR B 236 20.08 -5.77 23.05
N SER B 237 18.82 -6.16 23.27
CA SER B 237 18.40 -7.51 22.89
C SER B 237 17.93 -7.61 21.42
N VAL B 238 17.38 -6.52 20.85
CA VAL B 238 16.89 -6.48 19.46
C VAL B 238 17.38 -5.22 18.75
N ILE B 239 18.28 -5.36 17.77
CA ILE B 239 18.77 -4.24 16.96
C ILE B 239 18.01 -4.28 15.62
N PHE B 240 17.54 -3.11 15.15
CA PHE B 240 16.93 -2.94 13.84
C PHE B 240 17.89 -2.02 13.12
N VAL B 241 18.32 -2.41 11.93
CA VAL B 241 19.25 -1.56 11.20
C VAL B 241 19.04 -1.68 9.72
N ASN B 242 18.80 -0.54 9.07
CA ASN B 242 18.71 -0.47 7.62
C ASN B 242 20.13 -0.11 7.17
N ASN B 243 20.92 -1.16 6.89
CA ASN B 243 22.32 -1.09 6.51
C ASN B 243 22.54 -1.18 4.99
N PHE B 244 21.46 -1.00 4.20
CA PHE B 244 21.49 -1.09 2.75
C PHE B 244 22.57 -0.20 2.09
N ALA B 245 22.69 1.06 2.54
CA ALA B 245 23.68 2.00 1.98
C ALA B 245 25.02 2.08 2.74
N PHE B 246 25.24 1.25 3.77
CA PHE B 246 26.49 1.30 4.54
C PHE B 246 27.76 0.91 3.78
N GLY B 247 28.81 1.72 3.97
CA GLY B 247 30.14 1.48 3.41
C GLY B 247 30.86 0.38 4.19
N PRO B 248 32.05 -0.07 3.75
CA PRO B 248 32.73 -1.15 4.47
C PRO B 248 33.25 -0.77 5.86
N GLU B 249 33.59 0.51 6.08
CA GLU B 249 34.07 0.98 7.37
C GLU B 249 32.96 0.92 8.43
N VAL B 250 31.76 1.42 8.08
CA VAL B 250 30.59 1.42 8.96
C VAL B 250 30.16 -0.03 9.19
N ASP B 251 30.16 -0.86 8.12
CA ASP B 251 29.80 -2.27 8.24
C ASP B 251 30.75 -2.99 9.22
N HIS B 252 32.08 -2.81 9.05
CA HIS B 252 33.13 -3.38 9.88
C HIS B 252 32.99 -2.96 11.34
N GLN B 253 32.82 -1.65 11.58
CA GLN B 253 32.65 -1.07 12.92
C GLN B 253 31.41 -1.64 13.62
N LEU B 254 30.29 -1.77 12.89
CA LEU B 254 29.04 -2.32 13.39
C LEU B 254 29.20 -3.77 13.84
N LYS B 255 29.88 -4.59 13.01
CA LYS B 255 30.19 -5.99 13.32
C LYS B 255 30.99 -6.11 14.63
N GLU B 256 31.90 -5.15 14.92
CA GLU B 256 32.66 -5.09 16.19
C GLU B 256 31.69 -4.84 17.35
N ARG B 257 30.71 -3.93 17.18
CA ARG B 257 29.71 -3.59 18.19
C ARG B 257 28.86 -4.81 18.50
N PHE B 258 28.40 -5.52 17.44
CA PHE B 258 27.56 -6.71 17.54
C PHE B 258 28.27 -7.86 18.25
N ALA B 259 29.60 -7.96 18.05
CA ALA B 259 30.45 -8.99 18.65
C ALA B 259 30.42 -8.96 20.19
N ASN B 260 29.98 -7.84 20.79
CA ASN B 260 29.84 -7.68 22.24
C ASN B 260 28.42 -7.98 22.76
N MET B 261 27.48 -8.32 21.88
CA MET B 261 26.12 -8.63 22.31
C MET B 261 26.03 -9.97 23.08
N LYS B 262 24.94 -10.15 23.84
CA LYS B 262 24.68 -11.36 24.63
C LYS B 262 24.12 -12.48 23.77
N GLU B 263 24.27 -13.76 24.22
CA GLU B 263 23.71 -14.94 23.52
C GLU B 263 22.23 -14.71 23.34
N GLY B 264 21.71 -15.00 22.16
CA GLY B 264 20.29 -14.81 21.88
C GLY B 264 19.91 -13.40 21.45
N GLY B 265 20.88 -12.49 21.44
CA GLY B 265 20.69 -11.12 20.97
C GLY B 265 20.36 -11.18 19.49
N ARG B 266 19.48 -10.30 19.02
CA ARG B 266 19.03 -10.36 17.65
C ARG B 266 19.24 -9.08 16.88
N ILE B 267 19.53 -9.23 15.57
CA ILE B 267 19.71 -8.12 14.64
C ILE B 267 18.87 -8.38 13.42
N VAL B 268 17.99 -7.42 13.14
CA VAL B 268 17.10 -7.40 12.00
C VAL B 268 17.66 -6.31 11.05
N SER B 269 18.00 -6.72 9.81
CA SER B 269 18.62 -5.81 8.85
C SER B 269 18.12 -6.03 7.44
N SER B 270 18.42 -5.07 6.54
CA SER B 270 18.04 -5.14 5.12
C SER B 270 19.09 -5.91 4.26
N LYS B 271 20.33 -6.00 4.71
CA LYS B 271 21.38 -6.78 4.06
C LYS B 271 22.03 -7.67 5.14
N PRO B 272 22.33 -8.97 4.86
CA PRO B 272 22.94 -9.81 5.91
C PRO B 272 24.33 -9.34 6.29
N PHE B 273 24.67 -9.48 7.57
CA PHE B 273 25.99 -9.11 8.08
C PHE B 273 26.96 -10.27 7.94
N ALA B 274 26.43 -11.47 7.72
CA ALA B 274 27.26 -12.67 7.51
C ALA B 274 26.61 -13.51 6.41
N PRO B 275 27.34 -14.33 5.62
CA PRO B 275 26.66 -15.14 4.58
C PRO B 275 25.69 -16.12 5.22
N LEU B 276 24.57 -16.35 4.53
CA LEU B 276 23.52 -17.27 4.97
C LEU B 276 24.01 -18.72 5.03
N ASN B 277 25.08 -19.03 4.23
CA ASN B 277 25.69 -20.35 4.09
C ASN B 277 27.08 -20.41 4.71
N PHE B 278 27.37 -19.56 5.71
CA PHE B 278 28.67 -19.50 6.37
C PHE B 278 29.12 -20.85 6.87
N ARG B 279 30.36 -21.23 6.51
CA ARG B 279 30.98 -22.46 6.96
C ARG B 279 32.32 -22.09 7.61
N ILE B 280 32.41 -22.28 8.94
CA ILE B 280 33.60 -21.97 9.73
C ILE B 280 34.80 -22.84 9.32
N ASN B 281 35.94 -22.19 9.12
CA ASN B 281 37.21 -22.82 8.79
C ASN B 281 38.34 -21.98 9.40
N SER B 282 39.60 -22.44 9.26
CA SER B 282 40.76 -21.76 9.80
C SER B 282 41.04 -20.38 9.18
N ARG B 283 40.57 -20.13 7.96
CA ARG B 283 40.81 -18.86 7.26
C ARG B 283 39.76 -17.75 7.51
N ASN B 284 38.60 -18.08 8.12
CA ASN B 284 37.52 -17.12 8.36
C ASN B 284 37.10 -16.98 9.83
N LEU B 285 37.97 -17.38 10.79
CA LEU B 285 37.72 -17.32 12.23
C LEU B 285 37.46 -15.91 12.78
N SER B 286 37.96 -14.90 12.08
CA SER B 286 37.80 -13.50 12.44
C SER B 286 36.39 -12.96 12.09
N ASP B 287 35.72 -13.60 11.13
CA ASP B 287 34.41 -13.20 10.62
C ASP B 287 33.28 -13.33 11.63
N ILE B 288 32.31 -12.40 11.55
CA ILE B 288 31.14 -12.35 12.43
C ILE B 288 30.23 -13.63 12.31
N GLY B 289 30.30 -14.33 11.17
CA GLY B 289 29.56 -15.57 10.94
C GLY B 289 29.88 -16.67 11.93
N THR B 290 31.03 -16.56 12.61
CA THR B 290 31.48 -17.53 13.63
C THR B 290 30.64 -17.42 14.92
N ILE B 291 29.94 -16.31 15.14
CA ILE B 291 29.19 -16.12 16.38
C ILE B 291 27.70 -15.78 16.17
N MET B 292 27.18 -15.91 14.95
CA MET B 292 25.75 -15.63 14.73
C MET B 292 25.16 -16.51 13.66
N ARG B 293 23.90 -16.91 13.88
CA ARG B 293 23.06 -17.63 12.92
C ARG B 293 22.36 -16.53 12.13
N VAL B 294 22.16 -16.72 10.82
CA VAL B 294 21.55 -15.76 9.92
C VAL B 294 20.47 -16.48 9.13
N VAL B 295 19.27 -15.90 9.09
CA VAL B 295 18.15 -16.43 8.29
C VAL B 295 17.52 -15.32 7.47
N GLU B 296 17.07 -15.66 6.26
CA GLU B 296 16.38 -14.73 5.39
C GLU B 296 14.91 -14.88 5.67
N LEU B 297 14.24 -13.77 5.99
CA LEU B 297 12.80 -13.78 6.21
C LEU B 297 12.11 -13.08 5.07
N SER B 298 11.08 -13.69 4.54
CA SER B 298 10.38 -13.09 3.41
C SER B 298 8.91 -13.28 3.54
N PRO B 299 8.13 -12.19 3.45
CA PRO B 299 6.67 -12.34 3.49
C PRO B 299 6.10 -13.16 2.33
N LEU B 300 6.84 -13.31 1.21
CA LEU B 300 6.40 -14.15 0.10
C LEU B 300 6.49 -15.65 0.47
N LYS B 301 7.38 -16.01 1.41
CA LYS B 301 7.51 -17.36 1.95
C LYS B 301 6.64 -17.50 3.20
N SER B 305 -0.54 -14.41 3.04
CA SER B 305 -1.14 -13.74 1.87
C SER B 305 -0.52 -12.34 1.57
N TRP B 306 0.72 -12.34 1.02
CA TRP B 306 1.47 -11.12 0.67
C TRP B 306 1.31 -10.77 -0.82
N THR B 307 0.87 -9.55 -1.09
CA THR B 307 0.70 -9.05 -2.46
C THR B 307 1.54 -7.77 -2.69
N GLY B 308 2.47 -7.50 -1.76
CA GLY B 308 3.34 -6.34 -1.84
C GLY B 308 4.61 -6.66 -2.63
N LYS B 309 5.64 -5.84 -2.43
CA LYS B 309 6.94 -5.98 -3.08
C LYS B 309 7.61 -7.29 -2.76
N PRO B 310 8.36 -7.90 -3.70
CA PRO B 310 9.05 -9.16 -3.40
C PRO B 310 10.33 -8.86 -2.60
N VAL B 311 10.18 -8.52 -1.32
CA VAL B 311 11.27 -8.11 -0.45
C VAL B 311 11.56 -9.12 0.65
N SER B 312 12.78 -9.04 1.18
CA SER B 312 13.31 -9.88 2.24
C SER B 312 14.01 -9.01 3.27
N TYR B 313 14.14 -9.53 4.48
CA TYR B 313 14.93 -8.94 5.54
C TYR B 313 15.68 -10.08 6.20
N TYR B 314 16.66 -9.76 7.05
CA TYR B 314 17.54 -10.77 7.62
C TYR B 314 17.55 -10.74 9.12
N LEU B 315 17.40 -11.92 9.73
CA LEU B 315 17.43 -12.07 11.17
C LEU B 315 18.74 -12.81 11.60
N HIS B 316 19.56 -12.11 12.40
CA HIS B 316 20.82 -12.59 12.96
C HIS B 316 20.62 -12.84 14.44
N THR B 317 21.09 -13.99 14.93
CA THR B 317 20.98 -14.33 16.35
C THR B 317 22.36 -14.69 16.86
N ILE B 318 22.79 -14.01 17.94
CA ILE B 318 24.08 -14.28 18.57
C ILE B 318 24.07 -15.73 19.11
N ASP B 319 25.01 -16.53 18.59
CA ASP B 319 25.19 -17.94 18.94
C ASP B 319 26.68 -18.32 18.89
N ARG B 320 27.34 -18.21 20.06
CA ARG B 320 28.77 -18.50 20.20
C ARG B 320 29.09 -19.99 20.16
N THR B 321 28.07 -20.88 20.16
CA THR B 321 28.30 -22.34 20.05
C THR B 321 28.87 -22.72 18.68
N ILE B 322 28.70 -21.86 17.67
CA ILE B 322 29.25 -22.08 16.34
C ILE B 322 30.78 -22.12 16.46
N LEU B 323 31.35 -21.11 17.18
CA LEU B 323 32.78 -20.99 17.45
C LEU B 323 33.27 -22.09 18.39
N GLU B 324 32.52 -22.35 19.48
CA GLU B 324 32.81 -23.37 20.51
C GLU B 324 32.94 -24.78 19.93
N ASN B 325 32.04 -25.15 18.98
CA ASN B 325 32.04 -26.47 18.33
C ASN B 325 33.26 -26.64 17.43
N TYR B 326 33.67 -25.56 16.74
CA TYR B 326 34.83 -25.58 15.86
C TYR B 326 36.09 -25.88 16.67
N PHE B 327 36.26 -25.23 17.85
CA PHE B 327 37.40 -25.45 18.73
C PHE B 327 37.38 -26.84 19.34
N SER B 328 36.20 -27.34 19.75
CA SER B 328 36.01 -28.69 20.28
C SER B 328 36.34 -29.75 19.24
N SER B 329 35.98 -29.50 17.96
CA SER B 329 36.29 -30.42 16.86
C SER B 329 37.81 -30.48 16.58
N LEU B 330 38.55 -29.37 16.87
CA LEU B 330 40.01 -29.28 16.69
C LEU B 330 40.75 -30.02 17.81
N LYS B 331 40.17 -30.02 19.03
CA LYS B 331 40.69 -30.66 20.25
C LYS B 331 40.32 -32.15 20.33
N ASN B 332 39.57 -32.67 19.33
CA ASN B 332 39.15 -34.08 19.21
C ASN B 332 39.36 -34.63 17.80
C1 5F7 C . -11.59 6.58 -1.46
C2 5F7 C . -10.33 6.36 -2.05
C3 5F7 C . -10.21 5.43 -3.10
C12 5F7 C . -13.59 1.99 -6.77
C13 5F7 C . -14.27 3.07 -7.38
C14 5F7 C . -15.57 2.93 -7.88
C15 5F7 C . -16.18 1.69 -7.83
C16 5F7 C . -15.55 0.61 -7.18
C17 5F7 C . -14.26 0.77 -6.64
C21 5F7 C . -7.83 5.95 -3.68
C22 5F7 C . -11.13 1.70 -6.68
C4 5F7 C . -11.36 4.73 -3.51
C5 5F7 C . -12.62 5.02 -2.90
N6 5F7 C . -12.70 5.91 -1.87
C7 5F7 C . -11.31 3.83 -4.60
C8 5F7 C . -12.45 3.15 -5.06
C9 5F7 C . -13.70 3.48 -4.41
C10 5F7 C . -13.79 4.41 -3.37
N11 5F7 C . -12.39 2.27 -6.14
CL1 5F7 C . -13.55 -0.64 -5.89
CL2 5F7 C . -13.44 4.61 -7.54
O20 5F7 C . -9.00 5.12 -3.74
C1 5F7 D . 13.32 -3.22 -0.09
C2 5F7 D . 12.45 -2.15 0.15
C3 5F7 D . 12.06 -1.87 1.47
C12 5F7 D . 13.33 -3.42 7.15
C13 5F7 D . 14.64 -2.87 7.13
C14 5F7 D . 15.65 -3.34 7.96
C15 5F7 D . 15.35 -4.39 8.85
C16 5F7 D . 14.09 -4.99 8.83
C17 5F7 D . 13.08 -4.50 8.01
C21 5F7 D . 11.70 0.57 1.68
C22 5F7 D . 11.33 -2.10 6.65
C4 5F7 D . 12.55 -2.69 2.51
C5 5F7 D . 13.47 -3.74 2.21
N6 5F7 D . 13.82 -3.98 0.92
C7 5F7 D . 12.21 -2.46 3.85
C8 5F7 D . 12.70 -3.28 4.90
C9 5F7 D . 13.64 -4.31 4.55
C10 5F7 D . 14.01 -4.54 3.22
N11 5F7 D . 12.43 -2.96 6.23
CL1 5F7 D . 11.49 -5.20 8.11
CL2 5F7 D . 14.92 -1.52 6.06
O20 5F7 D . 11.22 -0.79 1.76
#